data_9RS7
#
_entry.id   9RS7
#
_cell.length_a   1.00
_cell.length_b   1.00
_cell.length_c   1.00
_cell.angle_alpha   90.00
_cell.angle_beta   90.00
_cell.angle_gamma   90.00
#
_symmetry.space_group_name_H-M   'P 1'
#
loop_
_entity.id
_entity.type
_entity.pdbx_description
1 polymer 'Rab small monomeric GTPase-like protein'
2 polymer 'Vacuolar fusion protein MON1'
3 polymer 'CCZ1/INTU/HSP4 first Longin domain-containing protein'
#
loop_
_entity_poly.entity_id
_entity_poly.type
_entity_poly.pdbx_seq_one_letter_code
_entity_poly.pdbx_strand_id
1 'polypeptide(L)'
;GSMSSRKKVLLKVIILGDSGVGKTSLMNQYVNKKFSASYKATIGADFLTREVMVDDRQVTMQLWDTAGQERFQSLGVAFY
RGADCCVLVFDVNNAKSFDALDSWRDEFLIQASPRDPENFPFVVLGIKIDVEESKRVISTKRAQTFCQSKGGIPYFETSA
KEAINVEEAFQVIARNALMQEESEEFSGDFQDPINIHIENERDGCAC
;
C
2 'polypeptide(L)'
;GPLGSMTQNNAPESVAAEGTVAGQQTDTTKPEPSSQPAPEPPSQVTTDFPPNNKPNDVPATEPASSSPRPTEPPAPPPPK
PTIALSPLDIATLTFPDGTRGTFPAPPQTSAQSVSTPSIASGHVTPQRDTDTASITSVAGTLRGVTGTAGDLASLLAGDG
LGRKSKAWRVLRAQQQACGEGSGEEGEITEIEGLGLGEGMEGFERELDNIPDTLPDDERLALWKGKLKHYLILSSAGKPI
WSRHGDLSLVNSTMGVVQTIISFYEGARNPLLGFTAGKVRFVILIKGPLYFVAISRLRESDAQLRAQLEALYMQILSTLT
LPILTNIFAHRPSTDLRGPLQGTESLLASLADSFTKGSPSTLLSALECLRLRKSQRQAITNIFLKSRCEELLYGLLVAGG
KLVSVIRPRKHSLHPSDLQLIFNMLFESGGIKGNGGENWIPLCLPAFNNTGYLYMYVSFLDDKAPDDQNQPPESSNLDAS
NKNSSNTPDDDLTALILISPSREAFYALQSMRTRLVSQLLSTGYLSLIRSTALSGRPSITSILPKTPLLHFLYKSRPNVQ
WCMSSLSSLTPPGATATETLLARRKLMSVYEELHAALHARHAHLRVVYSTADEKEGEGLACLGWSTPAFEVYCVAPGCVG
RAGMAREVNRVVQWARREEERLFILGGGVF
;
A
3 'polypeptide(L)'
;SMTTPVSPSPSGIIPAQLGFLAIYNPALGTTDETLEDQIVYYATASTLSQARRRHRRPRRRDRQRAQSVVKDSRPNAAGA
TGDSEAVAEDKDPVSKEERHERLRQIGLAQGMVEFAKSFSDGEPVDTIDTEKARVILVEVEEGWWILASIDLTRLPLPQI
KTPTSSSAPPPAPNLNPLPPEPAYEYSSREVKPPSLLRADLLRAYDLFLLHHGSSLSSLLASQGRAQLVASLTRFWDHFL
ATWNVLLHGNPACDVFGGIKLAASGELGIGVGEEERGSGEREVLEGLVERVEGLVDVVVGRYGGPPSEKGPEEEQWLGLG
GEVGEEDGAVFLGVGALDRKSLRGVVQWMEEVYVWGENAFGKPRRDLSTGHFLLGLSECSEEELTSSQANPKAIFVELKP
SYQHPSRKIPPEDPQPLGKVGPELPRDHTARLRPVIYVSQPFIYILLFSEITPSPSTWPTLAESLHAQLSPLQKPLLHST
SYRPERPVVETTSSSGTTTQHQIFDLVYDTETLTLQSTIPNIPDPFPYSATTPTGHSTGQQHHQQSIWTRVEALQTHAQI
LAILSSGRAIPTDPSSFTHLPWEEGERTCKTARGWWIVWTRVVEHSPPDAVSLHHARDDDDNDDDASCSVLGHLRSVSSS
HAAGSTSSSSGSGFGLGAIPGLGGLGGWAADGATRLAQGIGIDTRRYVEGLLTSLGR
;
B
#
# COMPACT_ATOMS: atom_id res chain seq x y z
N LYS A 7 0.13 8.05 36.95
CA LYS A 7 0.24 6.86 36.11
C LYS A 7 1.15 7.13 34.91
N LYS A 8 0.76 8.11 34.10
CA LYS A 8 1.47 8.43 32.86
C LYS A 8 1.07 9.82 32.42
N VAL A 9 2.06 10.70 32.23
CA VAL A 9 1.83 12.04 31.70
C VAL A 9 2.76 12.24 30.51
N LEU A 10 2.24 12.90 29.48
CA LEU A 10 2.90 13.03 28.19
C LEU A 10 3.15 14.49 27.86
N LEU A 11 4.34 14.78 27.33
CA LEU A 11 4.69 16.12 26.87
C LEU A 11 5.45 15.99 25.56
N LYS A 12 4.90 16.53 24.48
CA LYS A 12 5.60 16.55 23.20
C LYS A 12 6.50 17.78 23.18
N VAL A 13 7.79 17.55 23.46
CA VAL A 13 8.77 18.63 23.50
C VAL A 13 9.15 18.97 22.07
N ILE A 14 9.14 20.25 21.74
CA ILE A 14 9.67 20.74 20.47
C ILE A 14 10.91 21.55 20.79
N ILE A 15 12.07 21.07 20.35
CA ILE A 15 13.34 21.75 20.62
C ILE A 15 13.86 22.30 19.30
N LEU A 16 14.03 23.62 19.24
CA LEU A 16 14.25 24.34 17.99
C LEU A 16 15.74 24.58 17.79
N GLY A 17 16.39 23.63 17.11
CA GLY A 17 17.77 23.82 16.72
C GLY A 17 17.89 24.94 15.70
N ASP A 18 18.81 25.87 15.94
CA ASP A 18 19.01 27.01 15.05
C ASP A 18 19.95 26.60 13.93
N SER A 19 19.38 25.87 12.97
CA SER A 19 20.09 25.43 11.75
C SER A 19 21.34 24.62 12.11
N GLY A 20 21.11 23.47 12.75
CA GLY A 20 22.16 22.53 13.04
C GLY A 20 22.88 22.73 14.35
N VAL A 21 22.55 23.77 15.12
CA VAL A 21 23.20 24.00 16.40
C VAL A 21 22.89 22.86 17.37
N GLY A 22 21.63 22.44 17.42
CA GLY A 22 21.21 21.38 18.32
C GLY A 22 21.22 20.01 17.68
N LYS A 23 22.01 19.85 16.62
CA LYS A 23 22.01 18.61 15.84
C LYS A 23 22.70 17.49 16.62
N THR A 24 21.98 16.98 17.62
CA THR A 24 22.40 15.84 18.43
C THR A 24 23.75 16.06 19.11
N SER A 25 24.21 17.30 19.18
CA SER A 25 25.45 17.59 19.89
C SER A 25 25.31 17.28 21.38
N LEU A 26 24.16 17.61 21.97
CA LEU A 26 23.90 17.37 23.38
C LEU A 26 22.77 16.39 23.65
N MET A 27 21.83 16.23 22.71
CA MET A 27 20.73 15.29 22.90
C MET A 27 21.16 13.83 22.76
N ASN A 28 22.39 13.57 22.32
CA ASN A 28 22.82 12.19 22.12
C ASN A 28 22.89 11.43 23.43
N GLN A 29 23.55 12.00 24.44
CA GLN A 29 23.68 11.35 25.73
C GLN A 29 22.50 11.60 26.65
N TYR A 30 21.52 12.39 26.21
CA TYR A 30 20.33 12.64 27.02
C TYR A 30 19.33 11.49 26.89
N VAL A 31 18.87 11.24 25.66
CA VAL A 31 17.83 10.25 25.39
C VAL A 31 18.48 8.87 25.44
N ASN A 32 17.68 7.84 25.68
CA ASN A 32 18.13 6.48 25.43
C ASN A 32 18.20 6.27 23.93
N LYS A 33 19.40 6.06 23.40
CA LYS A 33 19.60 6.05 21.95
C LYS A 33 18.88 4.90 21.28
N LYS A 34 18.42 3.91 22.05
CA LYS A 34 17.67 2.80 21.46
C LYS A 34 16.38 3.27 20.82
N PHE A 35 15.68 4.21 21.47
CA PHE A 35 14.42 4.73 20.95
C PHE A 35 14.68 6.06 20.24
N SER A 36 15.10 5.95 18.98
CA SER A 36 15.47 7.12 18.20
C SER A 36 15.12 6.89 16.73
N ALA A 37 15.05 7.99 15.98
CA ALA A 37 14.80 7.95 14.55
C ALA A 37 15.45 9.19 13.94
N SER A 38 16.60 8.98 13.30
CA SER A 38 17.41 10.09 12.77
C SER A 38 16.85 10.50 11.40
N TYR A 39 15.64 11.05 11.42
CA TYR A 39 14.97 11.50 10.22
C TYR A 39 15.02 13.02 10.08
N LYS A 40 15.83 13.69 10.91
CA LYS A 40 15.97 15.13 10.82
C LYS A 40 16.51 15.56 9.47
N ALA A 41 17.42 14.79 8.88
CA ALA A 41 18.01 15.17 7.60
C ALA A 41 16.99 15.10 6.47
N THR A 42 16.01 14.21 6.57
CA THR A 42 15.03 14.01 5.50
C THR A 42 13.64 14.51 5.89
N ILE A 43 13.07 14.00 6.98
CA ILE A 43 11.74 14.42 7.38
C ILE A 43 11.75 15.85 7.89
N GLY A 44 12.73 16.18 8.74
CA GLY A 44 12.83 17.54 9.25
C GLY A 44 12.78 17.62 10.76
N ALA A 45 12.87 16.49 11.43
CA ALA A 45 12.84 16.47 12.89
C ALA A 45 13.42 15.16 13.40
N ASP A 46 14.45 15.25 14.22
CA ASP A 46 14.89 14.11 15.00
C ASP A 46 13.83 13.75 16.04
N PHE A 47 13.61 12.47 16.24
CA PHE A 47 12.58 11.98 17.15
C PHE A 47 13.22 11.18 18.27
N LEU A 48 12.96 11.60 19.51
CA LEU A 48 13.55 11.07 20.71
C LEU A 48 12.46 10.88 21.75
N THR A 49 12.77 10.17 22.83
CA THR A 49 11.81 10.03 23.93
C THR A 49 12.55 9.76 25.23
N ARG A 50 12.22 10.53 26.27
CA ARG A 50 12.90 10.39 27.55
C ARG A 50 11.93 10.65 28.70
N GLU A 51 12.06 9.87 29.76
CA GLU A 51 11.25 10.02 30.96
C GLU A 51 12.06 10.68 32.07
N VAL A 52 11.39 11.54 32.85
CA VAL A 52 12.02 12.24 33.96
C VAL A 52 11.20 12.08 35.22
N MET A 53 11.87 12.27 36.34
CA MET A 53 11.29 12.23 37.68
C MET A 53 11.06 13.68 38.11
N VAL A 54 9.83 14.16 37.97
CA VAL A 54 9.56 15.58 38.19
C VAL A 54 9.13 15.81 39.64
N ASP A 55 8.02 15.23 40.08
CA ASP A 55 7.60 15.27 41.49
C ASP A 55 6.93 13.94 41.82
N ASP A 56 7.72 13.00 42.35
CA ASP A 56 7.25 11.71 42.84
C ASP A 56 6.53 10.87 41.80
N ARG A 57 6.54 11.30 40.53
CA ARG A 57 5.91 10.54 39.46
C ARG A 57 6.60 10.88 38.15
N GLN A 58 6.77 9.86 37.31
CA GLN A 58 7.47 10.02 36.05
C GLN A 58 6.63 10.80 35.04
N VAL A 59 7.33 11.41 34.09
CA VAL A 59 6.71 12.11 32.96
C VAL A 59 7.49 11.80 31.71
N THR A 60 6.79 11.42 30.64
CA THR A 60 7.42 11.12 29.36
C THR A 60 7.41 12.36 28.50
N MET A 61 8.53 12.65 27.84
CA MET A 61 8.62 13.72 26.86
C MET A 61 9.10 13.13 25.55
N GLN A 62 8.33 13.34 24.49
CA GLN A 62 8.73 12.97 23.13
C GLN A 62 9.44 14.17 22.52
N LEU A 63 10.75 14.06 22.37
CA LEU A 63 11.55 15.17 21.87
C LEU A 63 11.49 15.22 20.35
N TRP A 64 11.25 16.41 19.82
CA TRP A 64 11.24 16.68 18.39
C TRP A 64 12.31 17.74 18.15
N ASP A 65 13.49 17.29 17.73
CA ASP A 65 14.61 18.19 17.45
C ASP A 65 14.37 18.69 16.04
N THR A 66 13.80 19.88 15.92
CA THR A 66 13.39 20.39 14.62
C THR A 66 14.61 20.72 13.77
N ALA A 67 14.50 20.44 12.47
CA ALA A 67 15.61 20.71 11.56
C ALA A 67 15.85 22.21 11.39
N GLY A 68 14.78 22.98 11.19
CA GLY A 68 14.90 24.40 10.99
C GLY A 68 15.25 24.83 9.59
N GLN A 69 15.37 23.89 8.65
CA GLN A 69 15.67 24.26 7.27
C GLN A 69 14.49 25.01 6.65
N GLU A 70 14.81 25.84 5.66
CA GLU A 70 13.78 26.66 5.04
C GLU A 70 12.76 25.81 4.31
N ARG A 71 13.19 24.67 3.77
CA ARG A 71 12.25 23.80 3.05
C ARG A 71 11.21 23.21 3.97
N PHE A 72 11.52 23.05 5.26
CA PHE A 72 10.56 22.54 6.23
C PHE A 72 9.73 23.63 6.88
N GLN A 73 10.06 24.91 6.64
CA GLN A 73 9.36 25.99 7.33
C GLN A 73 7.89 26.07 6.90
N SER A 74 7.62 25.85 5.60
CA SER A 74 6.24 25.91 5.12
C SER A 74 5.35 24.87 5.79
N LEU A 75 5.93 23.77 6.27
CA LEU A 75 5.21 22.76 7.03
C LEU A 75 5.43 22.91 8.52
N GLY A 76 5.54 24.15 9.00
CA GLY A 76 5.84 24.36 10.41
C GLY A 76 4.73 23.90 11.34
N VAL A 77 3.48 24.21 10.98
CA VAL A 77 2.36 23.84 11.83
C VAL A 77 2.21 22.32 11.90
N ALA A 78 2.86 21.60 11.01
CA ALA A 78 2.81 20.14 11.06
C ALA A 78 3.48 19.60 12.32
N PHE A 79 4.71 20.03 12.58
CA PHE A 79 5.44 19.53 13.74
C PHE A 79 5.04 20.23 15.03
N TYR A 80 4.52 21.45 14.93
CA TYR A 80 4.26 22.28 16.10
C TYR A 80 2.89 22.04 16.71
N ARG A 81 2.09 21.12 16.16
CA ARG A 81 0.77 20.86 16.70
C ARG A 81 0.88 20.29 18.11
N GLY A 82 0.09 20.85 19.02
CA GLY A 82 -0.05 20.29 20.35
C GLY A 82 1.23 20.18 21.15
N ALA A 83 2.22 21.02 20.85
CA ALA A 83 3.49 20.98 21.58
C ALA A 83 3.30 21.63 22.93
N ASP A 84 3.30 20.82 23.99
CA ASP A 84 3.19 21.37 25.33
C ASP A 84 4.49 22.02 25.80
N CYS A 85 5.60 21.67 25.15
CA CYS A 85 6.91 22.16 25.51
C CYS A 85 7.64 22.73 24.29
N CYS A 86 8.37 23.80 24.51
CA CYS A 86 9.32 24.33 23.54
C CYS A 86 10.65 24.57 24.24
N VAL A 87 11.73 24.43 23.48
CA VAL A 87 13.09 24.64 23.98
C VAL A 87 13.86 25.40 22.93
N LEU A 88 14.14 26.68 23.19
CA LEU A 88 14.98 27.49 22.32
C LEU A 88 16.44 27.18 22.64
N VAL A 89 17.09 26.44 21.75
CA VAL A 89 18.45 25.97 21.96
C VAL A 89 19.39 26.71 21.02
N PHE A 90 20.50 27.19 21.56
CA PHE A 90 21.53 27.85 20.77
C PHE A 90 22.91 27.39 21.27
N ASP A 91 23.94 27.95 20.66
CA ASP A 91 25.32 27.70 21.08
C ASP A 91 25.87 28.99 21.65
N VAL A 92 26.64 28.87 22.74
CA VAL A 92 27.21 30.05 23.37
C VAL A 92 28.24 30.70 22.45
N ASN A 93 28.99 29.90 21.71
CA ASN A 93 30.06 30.45 20.87
C ASN A 93 29.50 31.19 19.66
N ASN A 94 28.50 30.63 18.99
CA ASN A 94 28.01 31.19 17.74
C ASN A 94 27.26 32.49 18.04
N ALA A 95 27.57 33.53 17.27
CA ALA A 95 26.91 34.82 17.48
C ALA A 95 25.48 34.81 16.95
N LYS A 96 25.27 34.23 15.76
CA LYS A 96 23.93 34.19 15.17
C LYS A 96 23.00 33.23 15.88
N SER A 97 23.52 32.38 16.77
CA SER A 97 22.68 31.43 17.49
C SER A 97 21.69 32.16 18.39
N PHE A 98 22.17 33.13 19.17
CA PHE A 98 21.30 33.89 20.05
C PHE A 98 20.47 34.91 19.29
N ASP A 99 20.96 35.39 18.16
CA ASP A 99 20.24 36.43 17.41
C ASP A 99 19.01 35.88 16.71
N ALA A 100 18.93 34.57 16.49
CA ALA A 100 17.80 33.96 15.82
C ALA A 100 16.73 33.47 16.79
N LEU A 101 16.93 33.61 18.10
CA LEU A 101 15.95 33.14 19.06
C LEU A 101 14.64 33.88 18.92
N ASP A 102 14.69 35.20 18.72
CA ASP A 102 13.46 35.98 18.61
C ASP A 102 12.63 35.54 17.41
N SER A 103 13.29 35.32 16.27
CA SER A 103 12.57 34.87 15.08
C SER A 103 11.97 33.49 15.29
N TRP A 104 12.72 32.59 15.93
CA TRP A 104 12.20 31.25 16.20
C TRP A 104 11.00 31.30 17.13
N ARG A 105 11.06 32.13 18.17
CA ARG A 105 9.95 32.25 19.10
C ARG A 105 8.73 32.85 18.42
N ASP A 106 8.93 33.86 17.58
CA ASP A 106 7.80 34.43 16.84
C ASP A 106 7.21 33.40 15.89
N GLU A 107 8.06 32.60 15.25
CA GLU A 107 7.59 31.55 14.36
C GLU A 107 6.73 30.54 15.12
N PHE A 108 7.16 30.14 16.30
CA PHE A 108 6.34 29.23 17.09
C PHE A 108 5.03 29.90 17.52
N LEU A 109 5.11 31.16 17.97
CA LEU A 109 3.94 31.83 18.51
C LEU A 109 2.86 32.05 17.44
N ILE A 110 3.28 32.30 16.20
CA ILE A 110 2.30 32.51 15.13
C ILE A 110 1.89 31.18 14.48
N GLN A 111 2.84 30.28 14.28
CA GLN A 111 2.58 29.06 13.52
C GLN A 111 1.61 28.14 14.25
N ALA A 112 1.88 27.86 15.53
CA ALA A 112 1.05 26.95 16.29
C ALA A 112 0.05 27.66 17.20
N SER A 113 0.30 28.94 17.53
CA SER A 113 -0.58 29.74 18.36
C SER A 113 -0.89 29.06 19.69
N PRO A 114 0.06 29.02 20.61
CA PRO A 114 -0.25 28.50 21.96
C PRO A 114 -1.32 29.36 22.63
N ARG A 115 -2.10 28.72 23.51
CA ARG A 115 -3.26 29.37 24.09
C ARG A 115 -2.85 30.59 24.91
N ASP A 116 -1.85 30.43 25.78
CA ASP A 116 -1.38 31.50 26.67
C ASP A 116 0.14 31.59 26.63
N PRO A 117 0.69 32.10 25.52
CA PRO A 117 2.15 32.15 25.36
C PRO A 117 2.86 33.09 26.32
N GLU A 118 2.14 33.78 27.21
CA GLU A 118 2.79 34.67 28.16
C GLU A 118 3.75 33.92 29.07
N ASN A 119 3.32 32.75 29.57
CA ASN A 119 4.16 31.89 30.40
C ASN A 119 4.32 30.51 29.77
N PHE A 120 4.28 30.45 28.45
CA PHE A 120 4.45 29.18 27.76
C PHE A 120 5.86 28.64 28.02
N PRO A 121 6.01 27.32 28.18
CA PRO A 121 7.34 26.75 28.46
C PRO A 121 8.32 27.07 27.35
N PHE A 122 9.36 27.83 27.69
CA PHE A 122 10.37 28.29 26.74
C PHE A 122 11.77 28.16 27.35
N VAL A 123 12.05 27.03 27.99
CA VAL A 123 13.34 26.85 28.64
C VAL A 123 14.45 26.79 27.59
N VAL A 124 15.52 27.53 27.85
CA VAL A 124 16.61 27.72 26.90
C VAL A 124 17.83 26.91 27.35
N LEU A 125 18.38 26.12 26.45
CA LEU A 125 19.58 25.34 26.71
C LEU A 125 20.76 25.96 25.98
N GLY A 126 21.68 26.55 26.74
CA GLY A 126 22.91 27.09 26.20
C GLY A 126 23.97 26.04 26.04
N ILE A 127 23.90 25.27 24.95
CA ILE A 127 24.87 24.22 24.69
C ILE A 127 26.25 24.84 24.54
N LYS A 128 27.23 24.25 25.23
CA LYS A 128 28.61 24.71 25.15
C LYS A 128 29.36 23.96 24.04
N ARG A 136 33.55 33.26 24.42
CA ARG A 136 32.27 33.07 23.76
C ARG A 136 31.61 34.40 23.44
N VAL A 137 30.93 34.47 22.30
CA VAL A 137 30.24 35.70 21.91
C VAL A 137 29.04 35.94 22.80
N ILE A 138 28.27 34.90 23.09
CA ILE A 138 27.04 35.01 23.87
C ILE A 138 27.40 34.79 25.34
N SER A 139 27.47 35.88 26.10
CA SER A 139 27.77 35.80 27.52
C SER A 139 26.51 35.51 28.32
N THR A 140 26.70 35.25 29.62
CA THR A 140 25.55 34.98 30.49
C THR A 140 24.63 36.19 30.61
N LYS A 141 25.19 37.39 30.55
CA LYS A 141 24.35 38.59 30.61
C LYS A 141 23.39 38.63 29.44
N ARG A 142 23.90 38.48 28.23
CA ARG A 142 23.02 38.34 27.05
C ARG A 142 22.20 37.07 27.14
N ALA A 143 22.68 36.05 27.86
CA ALA A 143 21.94 34.80 27.94
C ALA A 143 20.62 34.99 28.67
N GLN A 144 20.63 35.66 29.81
CA GLN A 144 19.36 35.89 30.51
C GLN A 144 18.71 37.23 30.17
N THR A 145 19.33 38.05 29.32
CA THR A 145 18.64 39.25 28.84
C THR A 145 17.38 38.87 28.07
N PHE A 146 17.48 37.87 27.19
CA PHE A 146 16.30 37.40 26.46
C PHE A 146 15.27 36.82 27.41
N CYS A 147 15.72 36.14 28.46
CA CYS A 147 14.80 35.58 29.43
C CYS A 147 14.03 36.68 30.15
N GLN A 148 14.74 37.66 30.71
CA GLN A 148 14.08 38.76 31.41
C GLN A 148 13.31 39.68 30.48
N SER A 149 13.54 39.59 29.17
CA SER A 149 12.78 40.41 28.24
C SER A 149 11.29 40.09 28.28
N LYS A 150 10.95 38.80 28.30
CA LYS A 150 9.55 38.39 28.29
C LYS A 150 9.08 37.81 29.63
N GLY A 151 9.73 36.76 30.14
CA GLY A 151 9.19 36.09 31.31
C GLY A 151 10.19 35.49 32.27
N GLY A 152 11.48 35.77 32.08
CA GLY A 152 12.48 35.15 32.92
C GLY A 152 12.53 33.65 32.75
N ILE A 153 12.51 33.19 31.50
CA ILE A 153 12.53 31.78 31.16
C ILE A 153 13.79 31.12 31.69
N PRO A 154 13.71 29.88 32.21
CA PRO A 154 14.86 29.24 32.89
C PRO A 154 15.97 28.76 31.96
N TYR A 155 16.84 29.68 31.59
CA TYR A 155 18.03 29.33 30.81
C TYR A 155 18.99 28.51 31.66
N PHE A 156 19.66 27.55 31.01
CA PHE A 156 20.68 26.76 31.67
C PHE A 156 21.82 26.52 30.71
N GLU A 157 23.04 26.77 31.17
CA GLU A 157 24.26 26.61 30.38
C GLU A 157 24.77 25.18 30.57
N THR A 158 24.97 24.46 29.47
CA THR A 158 25.44 23.08 29.54
C THR A 158 26.87 22.96 29.05
N ASN A 165 23.97 17.05 33.16
CA ASN A 165 23.26 18.07 33.92
C ASN A 165 22.10 18.67 33.12
N VAL A 166 21.97 18.20 31.87
CA VAL A 166 20.93 18.74 30.99
C VAL A 166 19.55 18.42 31.53
N GLU A 167 19.40 17.24 32.14
CA GLU A 167 18.11 16.85 32.69
C GLU A 167 17.61 17.85 33.72
N GLU A 168 18.53 18.52 34.42
CA GLU A 168 18.13 19.51 35.43
C GLU A 168 17.43 20.71 34.82
N ALA A 169 17.48 20.88 33.50
CA ALA A 169 16.77 21.95 32.83
C ALA A 169 15.48 21.49 32.19
N PHE A 170 15.02 20.29 32.51
CA PHE A 170 13.81 19.74 31.90
C PHE A 170 12.73 19.33 32.89
N GLN A 171 13.07 19.04 34.15
CA GLN A 171 12.01 18.85 35.12
C GLN A 171 11.37 20.18 35.50
N VAL A 172 12.08 21.28 35.30
CA VAL A 172 11.45 22.59 35.40
C VAL A 172 10.42 22.77 34.29
N ILE A 173 10.70 22.20 33.11
CA ILE A 173 9.72 22.21 32.03
C ILE A 173 8.45 21.48 32.46
N ALA A 174 8.62 20.31 33.07
CA ALA A 174 7.46 19.56 33.56
C ALA A 174 6.73 20.33 34.65
N ARG A 175 7.48 20.95 35.56
CA ARG A 175 6.85 21.73 36.63
C ARG A 175 6.07 22.90 36.07
N ASN A 176 6.49 23.44 34.94
CA ASN A 176 5.74 24.51 34.28
C ASN A 176 4.58 24.00 33.44
N ALA A 177 4.64 22.75 32.97
CA ALA A 177 3.62 22.20 32.08
C ALA A 177 2.48 21.49 32.79
N LEU A 178 2.78 20.67 33.81
CA LEU A 178 1.72 19.97 34.53
C LEU A 178 0.80 20.96 35.24
N MET A 179 1.37 22.01 35.82
CA MET A 179 0.54 23.04 36.45
C MET A 179 -0.38 23.71 35.43
N GLN A 180 0.05 23.77 34.17
CA GLN A 180 -0.82 24.32 33.13
C GLN A 180 -1.98 23.37 32.83
N GLU A 181 -1.73 22.06 32.87
CA GLU A 181 -2.77 21.08 32.61
C GLU A 181 -3.72 20.98 33.80
N MET B 200 1.45 -17.55 10.67
CA MET B 200 2.10 -18.85 10.78
C MET B 200 3.62 -18.69 10.82
N GLU B 201 4.08 -17.45 11.02
CA GLU B 201 5.49 -17.12 11.07
C GLU B 201 5.85 -16.51 12.41
N GLY B 202 5.36 -17.12 13.48
CA GLY B 202 5.50 -16.59 14.82
C GLY B 202 4.23 -16.02 15.42
N PHE B 203 3.07 -16.45 14.95
CA PHE B 203 1.81 -15.91 15.43
C PHE B 203 1.48 -16.36 16.86
N GLU B 204 2.12 -17.43 17.34
CA GLU B 204 1.81 -17.93 18.67
C GLU B 204 2.14 -16.91 19.75
N ARG B 205 3.28 -16.23 19.61
CA ARG B 205 3.69 -15.21 20.57
C ARG B 205 3.39 -13.80 20.10
N GLU B 206 2.73 -13.64 18.96
CA GLU B 206 2.41 -12.31 18.47
C GLU B 206 1.47 -11.58 19.42
N LEU B 207 0.46 -12.29 19.93
CA LEU B 207 -0.46 -11.70 20.89
C LEU B 207 0.13 -11.56 22.28
N ASP B 208 1.25 -12.24 22.55
CA ASP B 208 1.92 -12.09 23.84
C ASP B 208 2.55 -10.71 23.92
N ASN B 209 2.22 -9.98 24.99
CA ASN B 209 2.70 -8.61 25.12
C ASN B 209 4.21 -8.57 25.37
N ILE B 210 4.81 -7.43 25.07
CA ILE B 210 6.24 -7.23 25.26
C ILE B 210 6.51 -7.04 26.75
N PRO B 211 7.32 -7.89 27.37
CA PRO B 211 7.60 -7.72 28.80
C PRO B 211 8.32 -6.41 29.07
N ASP B 212 7.97 -5.78 30.19
CA ASP B 212 8.60 -4.52 30.57
C ASP B 212 9.94 -4.73 31.27
N THR B 213 10.23 -5.96 31.72
CA THR B 213 11.49 -6.22 32.38
C THR B 213 12.66 -6.36 31.41
N LEU B 214 12.39 -6.59 30.13
CA LEU B 214 13.46 -6.67 29.15
C LEU B 214 14.09 -5.30 28.95
N PRO B 215 15.38 -5.25 28.62
CA PRO B 215 16.03 -3.96 28.36
C PRO B 215 15.49 -3.30 27.09
N ASP B 216 16.02 -2.12 26.76
CA ASP B 216 15.35 -1.24 25.80
C ASP B 216 15.39 -1.81 24.39
N ASP B 217 16.56 -2.22 23.91
CA ASP B 217 16.68 -2.59 22.50
C ASP B 217 16.01 -3.93 22.21
N GLU B 218 16.03 -4.85 23.16
CA GLU B 218 15.26 -6.09 22.99
C GLU B 218 13.77 -5.80 22.91
N ARG B 219 13.29 -4.86 23.74
CA ARG B 219 11.89 -4.47 23.68
C ARG B 219 11.56 -3.86 22.31
N LEU B 220 12.44 -3.00 21.79
CA LEU B 220 12.19 -2.40 20.50
C LEU B 220 12.19 -3.44 19.39
N ALA B 221 13.12 -4.41 19.44
CA ALA B 221 13.14 -5.47 18.45
C ALA B 221 11.88 -6.32 18.53
N LEU B 222 11.42 -6.63 19.73
CA LEU B 222 10.18 -7.37 19.89
C LEU B 222 9.00 -6.59 19.31
N TRP B 223 8.97 -5.27 19.57
CA TRP B 223 7.88 -4.45 19.03
C TRP B 223 7.89 -4.44 17.51
N LYS B 224 9.07 -4.30 16.91
CA LYS B 224 9.16 -4.31 15.45
C LYS B 224 8.82 -5.69 14.90
N GLY B 225 9.07 -6.74 15.67
CA GLY B 225 8.77 -8.09 15.22
C GLY B 225 7.31 -8.48 15.27
N LYS B 226 6.47 -7.66 15.91
CA LYS B 226 5.04 -7.96 15.95
C LYS B 226 4.46 -7.93 14.55
N LEU B 227 3.56 -8.89 14.27
CA LEU B 227 3.00 -9.00 12.93
C LEU B 227 2.09 -7.82 12.62
N LYS B 228 1.33 -7.35 13.61
CA LYS B 228 0.39 -6.26 13.40
C LYS B 228 0.53 -5.22 14.50
N HIS B 229 0.37 -3.96 14.11
CA HIS B 229 0.43 -2.83 15.02
C HIS B 229 -0.73 -1.90 14.74
N TYR B 230 -1.40 -1.45 15.80
CA TYR B 230 -2.43 -0.43 15.71
C TYR B 230 -1.96 0.78 16.49
N LEU B 231 -1.97 1.94 15.84
CA LEU B 231 -1.47 3.16 16.46
C LEU B 231 -2.51 4.26 16.27
N ILE B 232 -3.19 4.62 17.36
CA ILE B 232 -4.15 5.72 17.38
C ILE B 232 -3.45 6.90 18.03
N LEU B 233 -3.42 8.04 17.33
CA LEU B 233 -2.76 9.22 17.84
C LEU B 233 -3.56 10.45 17.47
N SER B 234 -3.17 11.60 18.01
CA SER B 234 -3.82 12.85 17.68
C SER B 234 -3.15 13.48 16.47
N SER B 235 -3.74 14.58 16.00
CA SER B 235 -3.10 15.37 14.95
C SER B 235 -1.80 16.00 15.43
N ALA B 236 -1.56 16.02 16.73
CA ALA B 236 -0.34 16.58 17.31
C ALA B 236 0.77 15.55 17.44
N GLY B 237 0.52 14.29 17.10
CA GLY B 237 1.52 13.26 17.24
C GLY B 237 1.62 12.64 18.62
N LYS B 238 0.75 13.02 19.55
CA LYS B 238 0.78 12.43 20.88
C LYS B 238 0.29 10.99 20.81
N PRO B 239 1.00 10.05 21.44
CA PRO B 239 0.47 8.69 21.53
C PRO B 239 -0.82 8.61 22.32
N ILE B 240 -1.92 8.29 21.64
CA ILE B 240 -3.20 8.11 22.31
C ILE B 240 -3.41 6.66 22.71
N TRP B 241 -3.08 5.72 21.83
CA TRP B 241 -3.22 4.31 22.15
C TRP B 241 -2.38 3.49 21.19
N SER B 242 -1.74 2.44 21.71
CA SER B 242 -0.99 1.49 20.90
C SER B 242 -1.34 0.09 21.35
N ARG B 243 -1.60 -0.81 20.39
CA ARG B 243 -1.97 -2.17 20.73
C ARG B 243 -0.80 -2.88 21.42
N HIS B 244 0.40 -2.75 20.89
CA HIS B 244 1.58 -3.41 21.40
C HIS B 244 2.57 -2.38 21.90
N GLY B 245 3.10 -2.60 23.11
CA GLY B 245 4.08 -1.70 23.68
C GLY B 245 3.49 -0.42 24.25
N ASP B 246 4.10 0.10 25.31
CA ASP B 246 3.64 1.33 25.92
C ASP B 246 3.98 2.52 25.03
N LEU B 247 3.63 3.72 25.49
CA LEU B 247 3.88 4.91 24.68
C LEU B 247 5.35 5.25 24.61
N SER B 248 6.15 4.80 25.58
CA SER B 248 7.60 4.99 25.50
C SER B 248 8.17 4.25 24.29
N LEU B 249 7.70 3.02 24.08
CA LEU B 249 8.16 2.23 22.93
C LEU B 249 7.74 2.86 21.61
N VAL B 250 6.49 3.33 21.53
CA VAL B 250 5.88 3.71 20.26
C VAL B 250 5.91 5.20 20.02
N ASN B 251 6.50 5.99 20.91
CA ASN B 251 6.33 7.44 20.87
C ASN B 251 7.01 8.04 19.64
N SER B 252 8.28 7.69 19.42
CA SER B 252 9.01 8.23 18.27
C SER B 252 8.41 7.74 16.96
N THR B 253 8.00 6.47 16.90
CA THR B 253 7.38 5.95 15.69
C THR B 253 6.08 6.69 15.38
N MET B 254 5.27 6.95 16.42
CA MET B 254 4.02 7.67 16.22
C MET B 254 4.29 9.10 15.76
N GLY B 255 5.33 9.73 16.31
CA GLY B 255 5.72 11.05 15.83
C GLY B 255 6.12 11.03 14.37
N VAL B 256 6.86 10.01 13.95
CA VAL B 256 7.24 9.87 12.55
C VAL B 256 6.01 9.73 11.67
N VAL B 257 5.08 8.88 12.09
CA VAL B 257 3.85 8.69 11.29
C VAL B 257 3.09 9.99 11.19
N GLN B 258 2.95 10.71 12.31
CA GLN B 258 2.21 11.96 12.30
C GLN B 258 2.86 12.99 11.39
N THR B 259 4.19 13.11 11.45
CA THR B 259 4.84 14.11 10.61
C THR B 259 4.76 13.72 9.14
N ILE B 260 4.73 12.43 8.82
CA ILE B 260 4.54 12.03 7.43
C ILE B 260 3.15 12.41 6.94
N ILE B 261 2.12 12.07 7.72
CA ILE B 261 0.76 12.44 7.30
C ILE B 261 0.60 13.95 7.25
N SER B 262 1.27 14.68 8.14
CA SER B 262 1.18 16.13 8.12
C SER B 262 1.92 16.72 6.93
N PHE B 263 3.03 16.11 6.51
CA PHE B 263 3.64 16.46 5.25
C PHE B 263 2.65 16.35 4.10
N TYR B 264 1.90 15.25 4.07
CA TYR B 264 0.94 15.10 2.97
C TYR B 264 -0.24 16.06 3.10
N GLU B 265 -0.67 16.36 4.33
CA GLU B 265 -1.75 17.33 4.51
C GLU B 265 -1.32 18.72 4.06
N GLY B 266 -0.07 19.09 4.36
CA GLY B 266 0.43 20.39 3.91
C GLY B 266 0.46 20.49 2.40
N ALA B 267 0.76 19.40 1.71
CA ALA B 267 0.74 19.35 0.26
C ALA B 267 -0.67 19.25 -0.30
N ARG B 268 -1.69 19.36 0.56
CA ARG B 268 -3.10 19.28 0.17
C ARG B 268 -3.46 17.93 -0.45
N ASN B 269 -2.61 16.93 -0.27
CA ASN B 269 -2.81 15.59 -0.82
C ASN B 269 -2.79 14.59 0.34
N PRO B 270 -3.93 14.31 0.95
CA PRO B 270 -3.94 13.43 2.13
C PRO B 270 -3.37 12.05 1.81
N LEU B 271 -2.66 11.49 2.78
CA LEU B 271 -2.03 10.19 2.65
C LEU B 271 -3.01 9.10 3.09
N LEU B 272 -3.22 8.11 2.24
CA LEU B 272 -4.12 7.00 2.53
C LEU B 272 -3.38 5.72 2.91
N GLY B 273 -2.06 5.73 2.90
CA GLY B 273 -1.27 4.57 3.23
C GLY B 273 -0.18 4.30 2.21
N PHE B 274 0.70 3.37 2.57
CA PHE B 274 1.82 3.01 1.72
C PHE B 274 2.28 1.61 2.02
N THR B 275 2.90 0.98 1.03
CA THR B 275 3.36 -0.40 1.13
C THR B 275 4.89 -0.43 1.17
N ALA B 276 5.43 -1.38 1.93
CA ALA B 276 6.87 -1.64 2.01
C ALA B 276 7.05 -3.14 1.95
N GLY B 277 7.26 -3.66 0.74
CA GLY B 277 7.42 -5.10 0.57
C GLY B 277 6.17 -5.84 1.01
N LYS B 278 6.34 -6.73 1.98
CA LYS B 278 5.22 -7.51 2.50
C LYS B 278 4.41 -6.75 3.54
N VAL B 279 4.89 -5.60 4.00
CA VAL B 279 4.21 -4.84 5.05
C VAL B 279 3.35 -3.76 4.43
N ARG B 280 2.19 -3.51 5.03
CA ARG B 280 1.28 -2.48 4.54
C ARG B 280 0.92 -1.54 5.68
N PHE B 281 1.04 -0.25 5.45
CA PHE B 281 0.65 0.78 6.40
C PHE B 281 -0.60 1.45 5.85
N VAL B 282 -1.67 1.48 6.65
CA VAL B 282 -2.93 2.08 6.26
C VAL B 282 -3.23 3.21 7.23
N ILE B 283 -3.50 4.40 6.68
CA ILE B 283 -3.67 5.60 7.47
C ILE B 283 -5.07 6.17 7.24
N LEU B 284 -5.78 6.44 8.32
CA LEU B 284 -7.11 7.01 8.30
C LEU B 284 -7.12 8.28 9.14
N ILE B 285 -7.77 9.32 8.62
CA ILE B 285 -7.75 10.64 9.25
C ILE B 285 -9.19 10.97 9.61
N LYS B 286 -9.59 10.68 10.84
CA LYS B 286 -10.94 11.01 11.30
C LYS B 286 -10.92 12.30 12.10
N GLY B 287 -10.59 13.38 11.40
CA GLY B 287 -10.47 14.68 12.02
C GLY B 287 -9.17 14.82 12.78
N PRO B 288 -9.26 15.20 14.05
CA PRO B 288 -8.04 15.31 14.87
C PRO B 288 -7.33 13.99 15.09
N LEU B 289 -7.99 12.87 14.90
CA LEU B 289 -7.43 11.57 15.20
C LEU B 289 -6.84 10.93 13.95
N TYR B 290 -5.61 10.45 14.07
CA TYR B 290 -4.92 9.71 13.01
C TYR B 290 -4.78 8.26 13.45
N PHE B 291 -5.27 7.34 12.63
CA PHE B 291 -5.20 5.92 12.91
C PHE B 291 -4.29 5.28 11.87
N VAL B 292 -3.28 4.55 12.31
CA VAL B 292 -2.38 3.87 11.38
C VAL B 292 -2.27 2.40 11.78
N ALA B 293 -2.53 1.52 10.83
CA ALA B 293 -2.42 0.08 11.01
C ALA B 293 -1.27 -0.44 10.17
N ILE B 294 -0.34 -1.14 10.82
CA ILE B 294 0.82 -1.72 10.16
C ILE B 294 0.63 -3.23 10.18
N SER B 295 0.52 -3.83 9.01
CA SER B 295 0.19 -5.25 8.89
C SER B 295 1.26 -5.99 8.12
N ARG B 296 1.77 -7.07 8.70
CA ARG B 296 2.62 -8.02 8.01
C ARG B 296 1.85 -9.26 7.55
N LEU B 297 0.54 -9.30 7.78
CA LEU B 297 -0.28 -10.47 7.49
C LEU B 297 -0.93 -10.42 6.11
N ARG B 298 -0.59 -9.42 5.30
CA ARG B 298 -1.06 -9.30 3.92
C ARG B 298 -2.58 -9.17 3.86
N GLU B 299 -3.08 -8.06 4.39
CA GLU B 299 -4.45 -7.65 4.19
C GLU B 299 -4.52 -6.48 3.24
N SER B 300 -5.71 -6.26 2.69
CA SER B 300 -5.91 -5.16 1.76
C SER B 300 -5.99 -3.84 2.52
N ASP B 301 -5.90 -2.75 1.75
CA ASP B 301 -6.09 -1.43 2.33
C ASP B 301 -7.49 -1.27 2.89
N ALA B 302 -8.49 -1.84 2.19
CA ALA B 302 -9.88 -1.70 2.62
C ALA B 302 -10.11 -2.37 3.98
N GLN B 303 -9.53 -3.56 4.19
CA GLN B 303 -9.75 -4.28 5.43
C GLN B 303 -9.11 -3.57 6.62
N LEU B 304 -7.86 -3.12 6.45
CA LEU B 304 -7.20 -2.36 7.52
C LEU B 304 -7.93 -1.06 7.79
N ARG B 305 -8.40 -0.40 6.74
CA ARG B 305 -9.18 0.82 6.92
C ARG B 305 -10.46 0.55 7.68
N ALA B 306 -11.11 -0.58 7.40
CA ALA B 306 -12.31 -0.95 8.14
C ALA B 306 -12.01 -1.21 9.61
N GLN B 307 -10.89 -1.88 9.89
CA GLN B 307 -10.51 -2.13 11.28
C GLN B 307 -10.23 -0.82 12.01
N LEU B 308 -9.50 0.09 11.36
CA LEU B 308 -9.24 1.39 11.97
C LEU B 308 -10.53 2.18 12.15
N GLU B 309 -11.46 2.04 11.22
CA GLU B 309 -12.76 2.69 11.36
C GLU B 309 -13.53 2.10 12.54
N ALA B 310 -13.41 0.80 12.77
CA ALA B 310 -14.04 0.20 13.95
C ALA B 310 -13.43 0.72 15.24
N LEU B 311 -12.10 0.88 15.27
CA LEU B 311 -11.46 1.48 16.44
C LEU B 311 -11.95 2.90 16.66
N TYR B 312 -12.06 3.68 15.57
CA TYR B 312 -12.59 5.03 15.67
C TYR B 312 -14.03 5.01 16.14
N MET B 313 -14.80 4.02 15.70
CA MET B 313 -16.19 3.89 16.13
C MET B 313 -16.26 3.68 17.63
N GLN B 314 -15.41 2.81 18.16
CA GLN B 314 -15.38 2.58 19.61
C GLN B 314 -14.98 3.84 20.36
N ILE B 315 -13.97 4.55 19.85
CA ILE B 315 -13.52 5.78 20.51
C ILE B 315 -14.63 6.82 20.52
N LEU B 316 -15.33 6.97 19.38
CA LEU B 316 -16.43 7.92 19.30
C LEU B 316 -17.60 7.48 20.17
N SER B 317 -17.78 6.17 20.37
CA SER B 317 -18.79 5.71 21.29
C SER B 317 -18.44 6.05 22.73
N THR B 318 -17.15 6.05 23.07
CA THR B 318 -16.73 6.46 24.41
C THR B 318 -17.09 7.92 24.67
N LEU B 319 -16.72 8.81 23.76
CA LEU B 319 -17.01 10.23 23.89
C LEU B 319 -17.59 10.75 22.58
N THR B 320 -18.68 11.50 22.68
CA THR B 320 -19.43 11.89 21.49
C THR B 320 -18.61 12.80 20.59
N LEU B 321 -18.95 12.80 19.30
CA LEU B 321 -18.15 13.48 18.29
C LEU B 321 -17.99 14.97 18.53
N PRO B 322 -19.06 15.74 18.83
CA PRO B 322 -18.83 17.17 19.14
C PRO B 322 -17.87 17.39 20.29
N ILE B 323 -17.95 16.55 21.34
CA ILE B 323 -17.03 16.71 22.47
C ILE B 323 -15.60 16.46 22.03
N LEU B 324 -15.37 15.41 21.23
CA LEU B 324 -14.03 15.10 20.76
C LEU B 324 -13.48 16.24 19.91
N THR B 325 -14.28 16.72 18.95
CA THR B 325 -13.83 17.80 18.08
C THR B 325 -13.56 19.06 18.87
N ASN B 326 -14.42 19.39 19.85
CA ASN B 326 -14.22 20.59 20.64
C ASN B 326 -12.97 20.48 21.51
N ILE B 327 -12.75 19.32 22.14
CA ILE B 327 -11.61 19.17 23.02
C ILE B 327 -10.31 19.16 22.23
N PHE B 328 -10.34 18.72 20.98
CA PHE B 328 -9.14 18.79 20.17
C PHE B 328 -9.01 20.09 19.37
N ALA B 329 -10.05 20.91 19.34
CA ALA B 329 -9.98 22.20 18.64
C ALA B 329 -9.62 23.33 19.59
N HIS B 330 -10.39 23.50 20.67
CA HIS B 330 -10.08 24.52 21.66
C HIS B 330 -8.81 24.20 22.43
N ARG B 331 -8.32 22.97 22.36
CA ARG B 331 -7.04 22.59 22.97
C ARG B 331 -6.43 21.46 22.17
N PRO B 332 -5.76 21.77 21.05
CA PRO B 332 -5.09 20.71 20.29
C PRO B 332 -3.98 20.03 21.07
N SER B 333 -3.45 20.66 22.13
CA SER B 333 -2.47 20.03 23.00
C SER B 333 -3.18 19.23 24.10
N THR B 334 -4.00 18.28 23.66
CA THR B 334 -4.81 17.46 24.55
C THR B 334 -4.37 16.01 24.48
N ASP B 335 -4.05 15.43 25.63
CA ASP B 335 -3.75 14.01 25.74
C ASP B 335 -5.06 13.29 26.00
N LEU B 336 -5.52 12.50 25.02
CA LEU B 336 -6.79 11.82 25.12
C LEU B 336 -6.75 10.59 26.00
N ARG B 337 -5.57 10.21 26.50
CA ARG B 337 -5.47 9.02 27.35
C ARG B 337 -6.19 9.19 28.68
N GLY B 338 -6.55 10.41 29.06
CA GLY B 338 -7.31 10.64 30.26
C GLY B 338 -8.70 10.05 30.18
N PRO B 339 -9.54 10.59 29.29
CA PRO B 339 -10.89 10.02 29.09
C PRO B 339 -10.87 8.59 28.56
N LEU B 340 -9.75 8.16 27.96
CA LEU B 340 -9.64 6.81 27.41
C LEU B 340 -9.00 5.84 28.39
N GLN B 341 -9.17 6.08 29.70
CA GLN B 341 -8.58 5.18 30.69
C GLN B 341 -9.23 3.81 30.66
N GLY B 342 -10.56 3.76 30.56
CA GLY B 342 -11.27 2.50 30.51
C GLY B 342 -11.41 1.95 29.11
N THR B 343 -11.24 2.82 28.11
CA THR B 343 -11.37 2.39 26.72
C THR B 343 -10.15 1.64 26.21
N GLU B 344 -8.99 1.79 26.87
CA GLU B 344 -7.77 1.19 26.36
C GLU B 344 -7.86 -0.33 26.36
N SER B 345 -8.44 -0.92 27.42
CA SER B 345 -8.57 -2.37 27.47
C SER B 345 -9.50 -2.88 26.38
N LEU B 346 -10.62 -2.19 26.16
CA LEU B 346 -11.55 -2.60 25.10
C LEU B 346 -10.88 -2.50 23.74
N LEU B 347 -10.13 -1.42 23.50
CA LEU B 347 -9.44 -1.27 22.22
C LEU B 347 -8.38 -2.34 22.04
N ALA B 348 -7.63 -2.66 23.10
CA ALA B 348 -6.62 -3.70 23.01
C ALA B 348 -7.25 -5.05 22.69
N SER B 349 -8.35 -5.39 23.34
CA SER B 349 -8.99 -6.67 23.07
C SER B 349 -9.61 -6.71 21.68
N LEU B 350 -10.16 -5.58 21.23
CA LEU B 350 -10.71 -5.51 19.87
C LEU B 350 -9.61 -5.68 18.82
N ALA B 351 -8.46 -5.05 19.04
CA ALA B 351 -7.34 -5.23 18.13
C ALA B 351 -6.82 -6.67 18.17
N ASP B 352 -6.84 -7.29 19.36
CA ASP B 352 -6.45 -8.69 19.46
C ASP B 352 -7.39 -9.57 18.65
N SER B 353 -8.69 -9.29 18.71
CA SER B 353 -9.65 -10.02 17.88
C SER B 353 -9.39 -9.79 16.41
N PHE B 354 -9.05 -8.55 16.04
CA PHE B 354 -8.72 -8.25 14.65
C PHE B 354 -7.53 -9.09 14.17
N THR B 355 -6.49 -9.16 14.99
CA THR B 355 -5.32 -9.96 14.64
C THR B 355 -5.68 -11.44 14.56
N LYS B 356 -6.48 -11.93 15.52
CA LYS B 356 -6.95 -13.31 15.46
C LYS B 356 -7.78 -13.59 14.23
N GLY B 357 -8.39 -12.56 13.64
CA GLY B 357 -9.24 -12.74 12.48
C GLY B 357 -10.69 -12.56 12.82
N SER B 358 -11.26 -11.40 12.49
CA SER B 358 -12.64 -11.10 12.82
C SER B 358 -13.50 -11.14 11.56
N PRO B 359 -14.26 -12.21 11.34
CA PRO B 359 -15.13 -12.24 10.16
C PRO B 359 -16.17 -11.13 10.17
N SER B 360 -16.68 -10.77 11.35
CA SER B 360 -17.67 -9.70 11.43
C SER B 360 -17.09 -8.38 10.95
N THR B 361 -15.85 -8.08 11.33
CA THR B 361 -15.22 -6.84 10.88
C THR B 361 -14.83 -6.93 9.42
N LEU B 362 -14.39 -8.12 8.97
CA LEU B 362 -14.02 -8.28 7.57
C LEU B 362 -15.22 -8.06 6.65
N LEU B 363 -16.38 -8.59 7.02
CA LEU B 363 -17.59 -8.45 6.22
C LEU B 363 -18.44 -7.26 6.62
N SER B 364 -18.08 -6.57 7.71
CA SER B 364 -18.88 -5.46 8.22
C SER B 364 -20.32 -5.88 8.47
N ALA B 365 -20.49 -7.09 9.00
CA ALA B 365 -21.81 -7.65 9.30
C ALA B 365 -21.75 -8.27 10.69
N LEU B 366 -22.81 -8.97 11.07
CA LEU B 366 -22.92 -9.59 12.38
C LEU B 366 -23.42 -11.02 12.25
N GLU B 367 -23.09 -11.83 13.24
CA GLU B 367 -23.55 -13.21 13.29
C GLU B 367 -24.84 -13.30 14.08
N CYS B 368 -25.63 -14.34 13.77
CA CYS B 368 -26.91 -14.56 14.43
C CYS B 368 -27.06 -16.01 14.82
N LEU B 369 -27.86 -16.25 15.86
CA LEU B 369 -28.18 -17.61 16.26
C LEU B 369 -29.04 -18.28 15.21
N ARG B 370 -28.75 -19.55 14.93
CA ARG B 370 -29.55 -20.33 13.99
C ARG B 370 -30.84 -20.75 14.69
N LEU B 371 -31.78 -19.84 14.74
CA LEU B 371 -33.06 -20.05 15.41
C LEU B 371 -34.17 -20.21 14.39
N ARG B 372 -35.17 -21.01 14.75
CA ARG B 372 -36.34 -21.15 13.89
C ARG B 372 -37.07 -19.82 13.77
N LYS B 373 -37.66 -19.60 12.59
CA LYS B 373 -38.37 -18.34 12.35
C LYS B 373 -39.52 -18.17 13.31
N SER B 374 -40.28 -19.25 13.57
CA SER B 374 -41.36 -19.17 14.54
C SER B 374 -40.82 -18.87 15.93
N GLN B 375 -39.72 -19.52 16.32
CA GLN B 375 -39.15 -19.28 17.64
C GLN B 375 -38.61 -17.87 17.77
N ARG B 376 -37.93 -17.36 16.74
CA ARG B 376 -37.43 -15.99 16.79
C ARG B 376 -38.57 -14.99 16.83
N GLN B 377 -39.64 -15.24 16.08
CA GLN B 377 -40.81 -14.37 16.12
C GLN B 377 -41.45 -14.39 17.51
N ALA B 378 -41.52 -15.56 18.13
CA ALA B 378 -42.07 -15.65 19.49
C ALA B 378 -41.19 -14.88 20.48
N ILE B 379 -39.87 -14.99 20.34
CA ILE B 379 -38.97 -14.26 21.22
C ILE B 379 -39.14 -12.76 21.03
N THR B 380 -39.25 -12.31 19.79
CA THR B 380 -39.45 -10.88 19.52
C THR B 380 -40.79 -10.40 20.06
N ASN B 381 -41.83 -11.23 19.96
CA ASN B 381 -43.13 -10.85 20.50
C ASN B 381 -43.11 -10.80 22.01
N ILE B 382 -42.36 -11.70 22.65
CA ILE B 382 -42.16 -11.64 24.10
C ILE B 382 -41.43 -10.35 24.46
N PHE B 383 -40.44 -9.98 23.65
CA PHE B 383 -39.74 -8.71 23.83
C PHE B 383 -40.71 -7.54 23.76
N LEU B 384 -41.61 -7.56 22.78
CA LEU B 384 -42.58 -6.48 22.65
C LEU B 384 -43.56 -6.44 23.81
N LYS B 385 -44.01 -7.61 24.28
CA LYS B 385 -44.99 -7.65 25.36
C LYS B 385 -44.48 -6.99 26.63
N SER B 386 -43.17 -6.85 26.78
CA SER B 386 -42.56 -6.08 27.86
C SER B 386 -41.74 -4.98 27.19
N ARG B 387 -42.38 -3.86 26.88
CA ARG B 387 -41.72 -2.70 26.30
C ARG B 387 -42.03 -1.47 27.13
N CYS B 388 -41.09 -0.54 27.15
CA CYS B 388 -41.22 0.71 27.88
C CYS B 388 -41.05 1.88 26.93
N GLU B 389 -41.69 3.00 27.27
CA GLU B 389 -41.62 4.18 26.41
C GLU B 389 -40.19 4.68 26.28
N GLU B 390 -39.43 4.66 27.38
CA GLU B 390 -38.04 5.10 27.33
C GLU B 390 -37.16 4.16 26.52
N LEU B 391 -37.57 2.90 26.35
CA LEU B 391 -36.77 1.97 25.55
C LEU B 391 -36.72 2.42 24.10
N LEU B 392 -35.53 2.41 23.52
CA LEU B 392 -35.32 2.80 22.13
C LEU B 392 -34.81 1.66 21.27
N TYR B 393 -33.80 0.93 21.74
CA TYR B 393 -33.21 -0.16 20.99
C TYR B 393 -33.10 -1.39 21.89
N GLY B 394 -33.93 -2.38 21.65
CA GLY B 394 -33.83 -3.64 22.37
C GLY B 394 -32.97 -4.63 21.60
N LEU B 395 -32.23 -5.45 22.34
CA LEU B 395 -31.29 -6.37 21.72
C LEU B 395 -31.13 -7.58 22.61
N LEU B 396 -31.26 -8.77 22.04
CA LEU B 396 -30.98 -10.01 22.72
C LEU B 396 -29.89 -10.73 21.95
N VAL B 397 -28.80 -11.08 22.65
CA VAL B 397 -27.63 -11.69 22.04
C VAL B 397 -27.31 -12.95 22.83
N ALA B 398 -26.72 -13.94 22.14
CA ALA B 398 -26.33 -15.19 22.78
C ALA B 398 -24.95 -15.57 22.28
N GLY B 399 -23.96 -15.55 23.18
CA GLY B 399 -22.60 -15.93 22.81
C GLY B 399 -22.01 -15.04 21.74
N GLY B 400 -22.35 -13.75 21.75
CA GLY B 400 -21.90 -12.84 20.71
C GLY B 400 -22.68 -12.91 19.42
N LYS B 401 -23.72 -13.74 19.36
CA LYS B 401 -24.52 -13.91 18.16
C LYS B 401 -25.88 -13.27 18.37
N LEU B 402 -26.30 -12.42 17.44
CA LEU B 402 -27.57 -11.73 17.54
C LEU B 402 -28.72 -12.72 17.63
N VAL B 403 -29.68 -12.42 18.51
CA VAL B 403 -30.86 -13.25 18.65
C VAL B 403 -32.09 -12.46 18.24
N SER B 404 -32.27 -11.27 18.82
CA SER B 404 -33.46 -10.48 18.53
C SER B 404 -33.13 -9.00 18.56
N VAL B 405 -33.86 -8.23 17.74
CA VAL B 405 -33.68 -6.79 17.60
C VAL B 405 -35.04 -6.12 17.70
N ILE B 406 -35.12 -5.05 18.49
CA ILE B 406 -36.36 -4.29 18.70
C ILE B 406 -36.06 -2.83 18.40
N ARG B 407 -36.82 -2.25 17.48
CA ARG B 407 -36.65 -0.85 17.08
C ARG B 407 -38.02 -0.22 16.88
N PRO B 408 -38.13 1.09 17.05
CA PRO B 408 -39.40 1.79 16.81
C PRO B 408 -39.60 2.06 15.32
N ARG B 409 -40.76 2.62 14.99
CA ARG B 409 -41.07 2.95 13.60
C ARG B 409 -40.15 4.04 13.07
N LYS B 410 -40.04 5.15 13.81
CA LYS B 410 -39.29 6.30 13.30
C LYS B 410 -37.79 6.01 13.28
N HIS B 411 -37.21 5.76 14.45
CA HIS B 411 -35.78 5.50 14.53
C HIS B 411 -35.48 4.10 14.01
N SER B 412 -34.42 4.00 13.19
CA SER B 412 -33.98 2.75 12.61
C SER B 412 -32.61 2.40 13.16
N LEU B 413 -32.40 1.11 13.45
CA LEU B 413 -31.15 0.63 14.03
C LEU B 413 -30.19 0.34 12.88
N HIS B 414 -29.26 1.26 12.64
CA HIS B 414 -28.31 1.10 11.56
C HIS B 414 -27.36 -0.06 11.86
N PRO B 415 -26.92 -0.79 10.83
CA PRO B 415 -25.96 -1.88 11.06
C PRO B 415 -24.65 -1.40 11.67
N SER B 416 -24.28 -0.14 11.42
CA SER B 416 -23.07 0.40 12.04
C SER B 416 -23.21 0.45 13.56
N ASP B 417 -24.39 0.82 14.06
CA ASP B 417 -24.61 0.83 15.50
C ASP B 417 -24.50 -0.57 16.10
N LEU B 418 -25.09 -1.56 15.42
CA LEU B 418 -24.98 -2.94 15.91
C LEU B 418 -23.54 -3.43 15.89
N GLN B 419 -22.80 -3.10 14.84
CA GLN B 419 -21.39 -3.46 14.80
C GLN B 419 -20.62 -2.79 15.93
N LEU B 420 -20.92 -1.52 16.21
CA LEU B 420 -20.27 -0.82 17.31
C LEU B 420 -20.57 -1.51 18.64
N ILE B 421 -21.83 -1.86 18.87
CA ILE B 421 -22.21 -2.48 20.13
C ILE B 421 -21.52 -3.83 20.30
N PHE B 422 -21.54 -4.65 19.25
CA PHE B 422 -20.93 -5.97 19.35
C PHE B 422 -19.42 -5.87 19.50
N ASN B 423 -18.78 -4.92 18.80
CA ASN B 423 -17.35 -4.74 18.95
C ASN B 423 -16.99 -4.30 20.37
N MET B 424 -17.78 -3.39 20.95
CA MET B 424 -17.47 -2.92 22.28
C MET B 424 -17.79 -3.95 23.36
N LEU B 425 -18.73 -4.86 23.10
CA LEU B 425 -19.15 -5.81 24.12
C LEU B 425 -18.64 -7.22 23.89
N PHE B 426 -18.93 -7.81 22.75
CA PHE B 426 -18.65 -9.23 22.53
C PHE B 426 -17.34 -9.48 21.79
N GLU B 427 -17.03 -8.70 20.76
CA GLU B 427 -15.73 -8.83 20.12
C GLU B 427 -14.61 -8.44 21.08
N SER B 428 -14.82 -7.38 21.86
CA SER B 428 -13.84 -7.00 22.86
C SER B 428 -13.88 -7.94 24.06
N GLY B 429 -15.03 -8.54 24.34
CA GLY B 429 -15.15 -9.38 25.51
C GLY B 429 -15.12 -8.64 26.83
N GLY B 430 -15.20 -7.31 26.80
CA GLY B 430 -15.21 -6.51 28.01
C GLY B 430 -16.55 -6.44 28.71
N ILE B 431 -17.56 -7.10 28.15
CA ILE B 431 -18.88 -7.14 28.79
C ILE B 431 -18.79 -7.88 30.12
N LYS B 432 -17.95 -8.92 30.18
CA LYS B 432 -17.76 -9.67 31.43
C LYS B 432 -17.22 -8.77 32.53
N GLY B 433 -16.32 -7.86 32.19
CA GLY B 433 -15.80 -6.91 33.16
C GLY B 433 -16.90 -6.12 33.84
N ASN B 434 -16.86 -6.08 35.17
CA ASN B 434 -17.95 -5.54 35.99
C ASN B 434 -19.26 -6.26 35.67
N GLY B 435 -19.26 -7.56 35.94
CA GLY B 435 -20.40 -8.39 35.58
C GLY B 435 -21.64 -8.01 36.35
N GLY B 436 -22.79 -8.27 35.72
CA GLY B 436 -24.07 -7.91 36.30
C GLY B 436 -24.75 -6.80 35.53
N GLU B 437 -25.51 -5.95 36.22
CA GLU B 437 -26.14 -4.81 35.58
C GLU B 437 -25.07 -3.81 35.17
N ASN B 438 -25.11 -3.39 33.91
CA ASN B 438 -24.07 -2.53 33.34
C ASN B 438 -24.72 -1.36 32.61
N TRP B 439 -24.62 -0.17 33.19
CA TRP B 439 -25.28 1.03 32.66
C TRP B 439 -24.24 1.94 31.98
N ILE B 440 -23.93 1.61 30.73
CA ILE B 440 -22.87 2.28 30.00
C ILE B 440 -23.48 3.44 29.20
N PRO B 441 -23.04 4.67 29.39
CA PRO B 441 -23.38 5.74 28.44
C PRO B 441 -22.79 5.42 27.07
N LEU B 442 -23.54 5.74 26.02
CA LEU B 442 -23.21 5.33 24.67
C LEU B 442 -23.38 6.52 23.74
N CYS B 443 -22.91 6.37 22.51
CA CYS B 443 -23.03 7.41 21.51
C CYS B 443 -23.85 6.97 20.30
N LEU B 444 -23.53 5.81 19.72
CA LEU B 444 -24.15 5.32 18.49
C LEU B 444 -24.10 6.41 17.43
N PRO B 445 -22.92 6.71 16.88
CA PRO B 445 -22.80 7.84 15.95
C PRO B 445 -23.68 7.74 14.72
N ALA B 446 -23.96 6.53 14.24
CA ALA B 446 -24.83 6.39 13.08
C ALA B 446 -26.23 6.92 13.38
N PHE B 447 -26.73 6.68 14.59
CA PHE B 447 -28.03 7.20 14.98
C PHE B 447 -27.94 8.68 15.34
N ASN B 448 -27.12 9.01 16.35
CA ASN B 448 -26.97 10.40 16.78
C ASN B 448 -25.61 10.52 17.46
N ASN B 449 -24.64 11.11 16.75
CA ASN B 449 -23.31 11.31 17.30
C ASN B 449 -23.21 12.57 18.15
N THR B 450 -24.22 13.44 18.15
CA THR B 450 -24.21 14.65 18.95
C THR B 450 -24.80 14.46 20.34
N GLY B 451 -25.25 13.25 20.68
CA GLY B 451 -25.90 13.01 21.96
C GLY B 451 -25.43 11.72 22.57
N TYR B 452 -25.85 11.51 23.82
CA TYR B 452 -25.50 10.33 24.60
C TYR B 452 -26.74 9.47 24.82
N LEU B 453 -26.73 8.26 24.26
CA LEU B 453 -27.69 7.25 24.64
C LEU B 453 -27.20 6.54 25.89
N TYR B 454 -27.96 5.54 26.36
CA TYR B 454 -27.56 4.79 27.54
C TYR B 454 -27.96 3.34 27.35
N MET B 455 -26.96 2.46 27.35
CA MET B 455 -27.17 1.04 27.09
C MET B 455 -27.05 0.26 28.39
N TYR B 456 -28.05 -0.55 28.67
CA TYR B 456 -28.12 -1.38 29.87
C TYR B 456 -27.87 -2.81 29.45
N VAL B 457 -26.84 -3.43 30.03
CA VAL B 457 -26.40 -4.77 29.68
C VAL B 457 -26.60 -5.67 30.88
N SER B 458 -27.28 -6.79 30.66
CA SER B 458 -27.55 -7.75 31.72
C SER B 458 -27.23 -9.17 31.24
N PHE B 459 -26.83 -10.02 32.19
CA PHE B 459 -26.51 -11.40 31.90
C PHE B 459 -27.72 -12.29 32.16
N LEU B 460 -28.04 -13.15 31.19
CA LEU B 460 -29.20 -14.04 31.29
C LEU B 460 -28.79 -15.41 31.82
N ASP B 461 -28.20 -15.40 33.01
CA ASP B 461 -27.81 -16.62 33.70
C ASP B 461 -28.83 -17.10 34.71
N ASP B 462 -29.96 -16.41 34.85
CA ASP B 462 -30.98 -16.78 35.81
C ASP B 462 -31.76 -18.01 35.32
N ASP B 491 -22.37 -18.73 24.85
CA ASP B 491 -23.13 -19.32 25.96
C ASP B 491 -23.68 -18.24 26.87
N LEU B 492 -22.91 -17.17 27.07
CA LEU B 492 -23.32 -16.07 27.92
C LEU B 492 -24.39 -15.22 27.25
N THR B 493 -25.65 -15.52 27.52
CA THR B 493 -26.74 -14.74 26.93
C THR B 493 -26.78 -13.35 27.56
N ALA B 494 -26.91 -12.34 26.71
CA ALA B 494 -26.88 -10.95 27.14
C ALA B 494 -28.10 -10.21 26.63
N LEU B 495 -28.60 -9.28 27.44
CA LEU B 495 -29.71 -8.40 27.09
C LEU B 495 -29.20 -6.97 27.09
N ILE B 496 -29.44 -6.26 25.98
CA ILE B 496 -28.99 -4.89 25.79
C ILE B 496 -30.23 -4.02 25.57
N LEU B 497 -30.35 -2.94 26.33
CA LEU B 497 -31.48 -2.04 26.22
C LEU B 497 -30.96 -0.61 26.15
N ILE B 498 -31.14 0.04 25.02
CA ILE B 498 -30.61 1.38 24.78
C ILE B 498 -31.77 2.37 24.87
N SER B 499 -31.63 3.36 25.72
CA SER B 499 -32.62 4.39 25.95
C SER B 499 -31.98 5.77 25.84
N PRO B 500 -32.73 6.76 25.36
CA PRO B 500 -32.19 8.13 25.25
C PRO B 500 -32.22 8.94 26.53
N SER B 501 -32.47 8.32 27.68
CA SER B 501 -32.54 9.03 28.95
C SER B 501 -31.71 8.31 30.00
N ARG B 502 -31.00 9.08 30.82
CA ARG B 502 -30.11 8.50 31.82
C ARG B 502 -30.87 7.93 33.01
N GLU B 503 -32.02 8.52 33.36
CA GLU B 503 -32.76 8.11 34.53
C GLU B 503 -33.58 6.84 34.30
N ALA B 504 -33.60 6.32 33.08
CA ALA B 504 -34.44 5.16 32.75
C ALA B 504 -33.89 3.85 33.31
N PHE B 505 -32.66 3.84 33.83
CA PHE B 505 -32.00 2.58 34.17
C PHE B 505 -32.86 1.72 35.09
N TYR B 506 -33.33 2.30 36.20
CA TYR B 506 -34.17 1.55 37.13
C TYR B 506 -35.39 0.98 36.41
N ALA B 507 -36.04 1.81 35.59
CA ALA B 507 -37.17 1.33 34.81
C ALA B 507 -36.74 0.20 33.87
N LEU B 508 -35.60 0.38 33.21
CA LEU B 508 -35.07 -0.70 32.38
C LEU B 508 -34.77 -1.94 33.22
N GLN B 509 -34.33 -1.75 34.46
CA GLN B 509 -34.20 -2.88 35.37
C GLN B 509 -35.54 -3.59 35.52
N SER B 510 -36.60 -2.83 35.80
CA SER B 510 -37.93 -3.42 35.86
C SER B 510 -38.32 -4.03 34.53
N MET B 511 -37.76 -3.51 33.44
CA MET B 511 -37.95 -4.15 32.15
C MET B 511 -37.33 -5.54 32.13
N ARG B 512 -36.07 -5.65 32.55
CA ARG B 512 -35.34 -6.90 32.42
C ARG B 512 -36.03 -8.01 33.20
N THR B 513 -36.34 -7.74 34.47
CA THR B 513 -37.04 -8.73 35.28
C THR B 513 -38.39 -9.10 34.67
N ARG B 514 -39.02 -8.17 33.96
CA ARG B 514 -40.25 -8.51 33.24
C ARG B 514 -39.94 -9.41 32.05
N LEU B 515 -38.88 -9.11 31.30
CA LEU B 515 -38.52 -9.95 30.16
C LEU B 515 -37.98 -11.30 30.63
N VAL B 516 -37.06 -11.28 31.59
CA VAL B 516 -36.42 -12.52 32.03
C VAL B 516 -37.46 -13.50 32.55
N SER B 517 -38.36 -13.03 33.40
CA SER B 517 -39.42 -13.89 33.93
C SER B 517 -40.25 -14.50 32.82
N GLN B 518 -40.44 -13.76 31.72
CA GLN B 518 -41.18 -14.32 30.58
C GLN B 518 -40.40 -15.41 29.88
N LEU B 519 -39.06 -15.29 29.83
CA LEU B 519 -38.26 -16.22 29.05
C LEU B 519 -38.19 -17.61 29.70
N LEU B 520 -37.93 -17.68 31.01
CA LEU B 520 -37.89 -18.98 31.64
C LEU B 520 -39.29 -19.59 31.76
N SER B 521 -40.31 -18.76 31.95
CA SER B 521 -41.67 -19.27 32.02
C SER B 521 -42.08 -19.93 30.71
N THR B 522 -41.74 -19.32 29.59
CA THR B 522 -41.99 -19.91 28.28
C THR B 522 -40.88 -20.84 27.81
N GLY B 523 -39.77 -20.92 28.55
CA GLY B 523 -38.68 -21.80 28.21
C GLY B 523 -37.79 -21.31 27.09
N TYR B 524 -37.98 -20.08 26.60
CA TYR B 524 -37.19 -19.60 25.48
C TYR B 524 -35.76 -19.27 25.90
N LEU B 525 -35.55 -18.89 27.17
CA LEU B 525 -34.19 -18.63 27.63
C LEU B 525 -33.36 -19.90 27.63
N SER B 526 -33.94 -21.01 28.09
CA SER B 526 -33.22 -22.29 28.06
C SER B 526 -32.91 -22.70 26.63
N LEU B 527 -33.86 -22.48 25.71
CA LEU B 527 -33.61 -22.77 24.30
C LEU B 527 -32.48 -21.91 23.75
N ILE B 528 -32.46 -20.63 24.12
CA ILE B 528 -31.40 -19.73 23.66
C ILE B 528 -30.05 -20.20 24.17
N ARG B 529 -29.99 -20.56 25.46
CA ARG B 529 -28.73 -21.02 26.03
C ARG B 529 -28.27 -22.33 25.39
N SER B 530 -29.20 -23.24 25.14
CA SER B 530 -28.84 -24.50 24.50
C SER B 530 -28.34 -24.28 23.08
N THR B 531 -29.00 -23.40 22.32
CA THR B 531 -28.57 -23.13 20.96
C THR B 531 -27.20 -22.44 20.94
N ALA B 532 -26.97 -21.53 21.89
CA ALA B 532 -25.67 -20.85 21.94
C ALA B 532 -24.56 -21.79 22.40
N LEU B 533 -24.89 -22.75 23.28
CA LEU B 533 -23.88 -23.67 23.78
C LEU B 533 -23.26 -24.47 22.66
N SER B 534 -24.09 -25.02 21.77
CA SER B 534 -23.57 -25.61 20.54
C SER B 534 -23.10 -24.50 19.62
N GLY B 535 -21.84 -24.60 19.18
CA GLY B 535 -21.25 -23.54 18.38
C GLY B 535 -21.81 -23.49 16.97
N ARG B 536 -21.03 -22.98 16.03
CA ARG B 536 -21.46 -22.97 14.65
C ARG B 536 -21.66 -24.41 14.17
N PRO B 537 -22.70 -24.69 13.39
CA PRO B 537 -22.93 -26.06 12.96
C PRO B 537 -21.76 -26.62 12.16
N SER B 538 -21.46 -27.89 12.38
CA SER B 538 -20.34 -28.53 11.72
C SER B 538 -20.58 -28.61 10.21
N ILE B 539 -19.49 -28.61 9.44
CA ILE B 539 -19.59 -28.60 7.99
C ILE B 539 -20.26 -29.85 7.46
N THR B 540 -20.03 -31.00 8.10
CA THR B 540 -20.69 -32.23 7.65
C THR B 540 -22.19 -32.17 7.90
N SER B 541 -22.61 -31.64 9.05
CA SER B 541 -24.03 -31.54 9.35
C SER B 541 -24.72 -30.56 8.40
N ILE B 542 -24.08 -29.43 8.11
CA ILE B 542 -24.66 -28.45 7.19
C ILE B 542 -24.80 -29.06 5.80
N LEU B 543 -23.72 -29.64 5.29
CA LEU B 543 -23.69 -30.26 3.97
C LEU B 543 -23.28 -31.71 4.12
N PRO B 544 -24.21 -32.66 4.01
CA PRO B 544 -23.84 -34.07 4.23
C PRO B 544 -22.86 -34.56 3.19
N LYS B 545 -21.75 -35.11 3.67
CA LYS B 545 -20.68 -35.65 2.83
C LYS B 545 -20.15 -34.57 1.87
N THR B 546 -19.57 -33.53 2.46
CA THR B 546 -18.98 -32.46 1.67
C THR B 546 -17.46 -32.46 1.83
N PRO B 547 -16.73 -32.08 0.77
CA PRO B 547 -15.27 -31.95 0.90
C PRO B 547 -14.83 -30.64 1.55
N LEU B 548 -15.75 -29.71 1.79
CA LEU B 548 -15.38 -28.43 2.37
C LEU B 548 -14.93 -28.60 3.82
N LEU B 549 -13.91 -27.81 4.20
CA LEU B 549 -13.47 -27.75 5.58
C LEU B 549 -14.15 -26.63 6.35
N HIS B 550 -14.51 -25.55 5.66
CA HIS B 550 -15.11 -24.39 6.30
C HIS B 550 -15.76 -23.52 5.22
N PHE B 551 -16.64 -22.63 5.65
CA PHE B 551 -17.24 -21.66 4.75
C PHE B 551 -17.66 -20.44 5.56
N LEU B 552 -17.95 -19.35 4.84
CA LEU B 552 -18.34 -18.09 5.48
C LEU B 552 -19.30 -17.39 4.52
N TYR B 553 -20.59 -17.43 4.83
CA TYR B 553 -21.62 -16.88 3.97
C TYR B 553 -22.15 -15.58 4.57
N LYS B 554 -22.08 -14.51 3.80
CA LYS B 554 -22.63 -13.21 4.19
C LYS B 554 -23.75 -12.82 3.24
N SER B 555 -24.86 -12.38 3.80
CA SER B 555 -26.00 -11.91 3.01
C SER B 555 -25.91 -10.40 2.89
N ARG B 556 -25.90 -9.91 1.64
CA ARG B 556 -25.84 -8.47 1.43
C ARG B 556 -27.03 -7.74 2.03
N PRO B 557 -28.27 -8.18 1.85
CA PRO B 557 -29.34 -7.67 2.70
C PRO B 557 -29.25 -8.29 4.10
N ASN B 558 -29.83 -7.57 5.05
CA ASN B 558 -29.85 -7.94 6.47
C ASN B 558 -28.48 -7.80 7.11
N VAL B 559 -27.45 -7.54 6.28
CA VAL B 559 -26.07 -7.35 6.72
C VAL B 559 -25.69 -8.33 7.82
N GLN B 560 -25.76 -9.63 7.53
CA GLN B 560 -25.47 -10.63 8.54
C GLN B 560 -24.78 -11.82 7.88
N TRP B 561 -23.98 -12.54 8.67
CA TRP B 561 -23.17 -13.63 8.15
C TRP B 561 -23.27 -14.85 9.06
N CYS B 562 -22.80 -15.97 8.55
CA CYS B 562 -22.75 -17.23 9.26
C CYS B 562 -21.57 -18.04 8.74
N MET B 563 -21.17 -19.05 9.50
CA MET B 563 -20.03 -19.86 9.13
C MET B 563 -20.14 -21.25 9.76
N SER B 564 -19.33 -22.17 9.26
CA SER B 564 -19.22 -23.50 9.82
C SER B 564 -18.29 -23.51 11.03
N SER B 565 -18.36 -24.58 11.80
CA SER B 565 -17.54 -24.69 13.00
C SER B 565 -16.06 -24.69 12.65
N LEU B 566 -15.26 -24.04 13.50
CA LEU B 566 -13.82 -24.01 13.35
C LEU B 566 -13.14 -25.25 13.92
N SER B 567 -13.90 -26.15 14.56
CA SER B 567 -13.31 -27.34 15.14
C SER B 567 -12.90 -28.36 14.08
N SER B 568 -13.44 -28.26 12.87
CA SER B 568 -13.09 -29.22 11.82
C SER B 568 -11.67 -29.00 11.32
N LEU B 569 -11.19 -27.76 11.33
CA LEU B 569 -9.85 -27.47 10.83
C LEU B 569 -8.78 -28.11 11.71
N THR B 570 -8.89 -27.97 13.00
CA THR B 570 -7.89 -28.47 13.93
C THR B 570 -8.19 -29.92 14.30
N PRO B 571 -7.17 -30.69 14.70
CA PRO B 571 -7.44 -32.03 15.21
C PRO B 571 -8.27 -31.96 16.47
N PRO B 572 -9.01 -33.04 16.78
CA PRO B 572 -9.91 -32.99 17.95
C PRO B 572 -9.19 -32.68 19.26
N GLY B 573 -7.97 -33.18 19.43
CA GLY B 573 -7.18 -32.83 20.59
C GLY B 573 -6.13 -31.79 20.25
N ALA B 574 -6.39 -30.53 20.59
CA ALA B 574 -5.51 -29.44 20.23
C ALA B 574 -5.44 -28.43 21.37
N THR B 575 -4.31 -27.75 21.47
CA THR B 575 -4.14 -26.69 22.45
C THR B 575 -4.70 -25.38 21.92
N ALA B 576 -4.60 -24.34 22.74
CA ALA B 576 -5.06 -23.02 22.32
C ALA B 576 -4.24 -22.49 21.15
N THR B 577 -2.93 -22.72 21.18
CA THR B 577 -2.06 -22.20 20.13
C THR B 577 -2.38 -22.82 18.77
N GLU B 578 -2.64 -24.13 18.73
CA GLU B 578 -2.92 -24.79 17.46
C GLU B 578 -4.24 -24.32 16.87
N THR B 579 -5.28 -24.22 17.69
CA THR B 579 -6.56 -23.71 17.21
C THR B 579 -6.44 -22.27 16.76
N LEU B 580 -5.68 -21.47 17.50
CA LEU B 580 -5.46 -20.07 17.11
C LEU B 580 -4.75 -19.98 15.76
N LEU B 581 -3.72 -20.82 15.56
CA LEU B 581 -3.02 -20.82 14.28
C LEU B 581 -3.94 -21.24 13.14
N ALA B 582 -4.75 -22.27 13.36
CA ALA B 582 -5.68 -22.71 12.31
C ALA B 582 -6.68 -21.62 11.98
N ARG B 583 -7.24 -20.96 13.01
CA ARG B 583 -8.17 -19.87 12.77
C ARG B 583 -7.50 -18.72 12.02
N ARG B 584 -6.25 -18.39 12.40
CA ARG B 584 -5.55 -17.30 11.72
C ARG B 584 -5.29 -17.65 10.27
N LYS B 585 -4.89 -18.89 9.98
CA LYS B 585 -4.65 -19.28 8.59
C LYS B 585 -5.92 -19.19 7.77
N LEU B 586 -7.01 -19.76 8.29
CA LEU B 586 -8.27 -19.73 7.55
C LEU B 586 -8.75 -18.30 7.35
N MET B 587 -8.65 -17.47 8.40
CA MET B 587 -9.08 -16.08 8.29
C MET B 587 -8.23 -15.31 7.30
N SER B 588 -6.91 -15.54 7.28
CA SER B 588 -6.06 -14.85 6.33
C SER B 588 -6.41 -15.26 4.90
N VAL B 589 -6.71 -16.53 4.68
CA VAL B 589 -7.20 -16.96 3.37
C VAL B 589 -8.47 -16.20 3.02
N TYR B 590 -9.38 -16.07 3.99
CA TYR B 590 -10.64 -15.37 3.74
C TYR B 590 -10.42 -13.90 3.40
N GLU B 591 -9.50 -13.22 4.10
CA GLU B 591 -9.27 -11.82 3.79
C GLU B 591 -8.57 -11.64 2.45
N GLU B 592 -7.68 -12.58 2.08
CA GLU B 592 -7.11 -12.53 0.74
C GLU B 592 -8.19 -12.65 -0.31
N LEU B 593 -9.13 -13.58 -0.11
CA LEU B 593 -10.23 -13.74 -1.05
C LEU B 593 -11.12 -12.50 -1.08
N HIS B 594 -11.40 -11.93 0.09
CA HIS B 594 -12.23 -10.74 0.16
C HIS B 594 -11.58 -9.56 -0.54
N ALA B 595 -10.27 -9.42 -0.40
CA ALA B 595 -9.53 -8.39 -1.13
C ALA B 595 -9.61 -8.64 -2.63
N ALA B 596 -9.49 -9.90 -3.04
CA ALA B 596 -9.59 -10.23 -4.46
C ALA B 596 -10.96 -9.84 -5.02
N LEU B 597 -12.02 -10.15 -4.28
CA LEU B 597 -13.36 -9.81 -4.75
C LEU B 597 -13.59 -8.30 -4.76
N HIS B 598 -13.16 -7.61 -3.71
CA HIS B 598 -13.44 -6.19 -3.55
C HIS B 598 -12.26 -5.31 -3.93
N ALA B 599 -11.45 -5.73 -4.90
CA ALA B 599 -10.40 -4.87 -5.42
C ALA B 599 -11.02 -3.69 -6.14
N ARG B 600 -10.52 -2.50 -5.87
CA ARG B 600 -11.06 -1.30 -6.48
C ARG B 600 -10.81 -1.34 -7.99
N HIS B 601 -11.83 -0.97 -8.77
CA HIS B 601 -11.77 -1.01 -10.23
C HIS B 601 -11.50 -2.43 -10.73
N ALA B 602 -12.13 -3.41 -10.08
CA ALA B 602 -12.02 -4.81 -10.51
C ALA B 602 -13.37 -5.46 -10.18
N HIS B 603 -14.18 -5.67 -11.21
CA HIS B 603 -15.52 -6.22 -11.03
C HIS B 603 -15.47 -7.73 -10.94
N LEU B 604 -14.67 -8.25 -10.02
CA LEU B 604 -14.54 -9.70 -9.87
C LEU B 604 -15.78 -10.27 -9.18
N ARG B 605 -16.32 -11.35 -9.74
CA ARG B 605 -17.49 -12.02 -9.19
C ARG B 605 -17.14 -13.30 -8.45
N VAL B 606 -16.27 -14.11 -9.02
CA VAL B 606 -15.81 -15.36 -8.41
C VAL B 606 -14.30 -15.39 -8.46
N VAL B 607 -13.67 -15.79 -7.34
CA VAL B 607 -12.23 -15.90 -7.25
C VAL B 607 -11.89 -17.26 -6.67
N TYR B 608 -11.05 -18.01 -7.37
CA TYR B 608 -10.58 -19.31 -6.92
C TYR B 608 -9.07 -19.29 -6.79
N SER B 609 -8.57 -19.88 -5.71
CA SER B 609 -7.13 -19.89 -5.45
C SER B 609 -6.74 -21.21 -4.82
N THR B 610 -5.45 -21.53 -4.92
CA THR B 610 -4.87 -22.75 -4.36
C THR B 610 -3.63 -22.35 -3.58
N ALA B 611 -3.81 -22.05 -2.30
CA ALA B 611 -2.71 -21.61 -1.45
C ALA B 611 -1.98 -22.80 -0.83
N GLU B 617 -0.03 -30.70 0.57
CA GLU B 617 -1.34 -31.04 0.03
C GLU B 617 -2.02 -29.81 -0.58
N GLY B 618 -1.73 -28.64 -0.03
CA GLY B 618 -2.34 -27.42 -0.49
C GLY B 618 -3.71 -27.18 0.12
N LEU B 619 -4.34 -26.11 -0.34
CA LEU B 619 -5.65 -25.72 0.19
C LEU B 619 -6.34 -24.83 -0.84
N ALA B 620 -7.43 -25.32 -1.41
CA ALA B 620 -8.20 -24.54 -2.38
C ALA B 620 -9.24 -23.68 -1.67
N CYS B 621 -9.58 -22.56 -2.28
CA CYS B 621 -10.51 -21.61 -1.68
C CYS B 621 -11.24 -20.86 -2.79
N LEU B 622 -12.51 -20.55 -2.53
CA LEU B 622 -13.34 -19.82 -3.47
C LEU B 622 -14.13 -18.72 -2.78
N GLY B 623 -14.31 -17.62 -3.49
CA GLY B 623 -15.09 -16.51 -2.98
C GLY B 623 -16.02 -15.97 -4.06
N TRP B 624 -17.29 -15.83 -3.70
CA TRP B 624 -18.34 -15.43 -4.62
C TRP B 624 -19.07 -14.23 -4.04
N SER B 625 -19.29 -13.21 -4.87
CA SER B 625 -19.77 -11.91 -4.43
C SER B 625 -20.98 -11.48 -5.27
N THR B 626 -21.95 -12.38 -5.41
CA THR B 626 -23.19 -12.02 -6.07
C THR B 626 -23.86 -10.86 -5.32
N PRO B 627 -24.44 -9.89 -6.03
CA PRO B 627 -25.01 -8.71 -5.35
C PRO B 627 -26.02 -9.03 -4.26
N ALA B 628 -26.43 -10.30 -4.14
CA ALA B 628 -27.39 -10.69 -3.12
C ALA B 628 -26.76 -11.34 -1.90
N PHE B 629 -25.50 -11.75 -1.97
CA PHE B 629 -24.86 -12.43 -0.85
C PHE B 629 -23.34 -12.31 -0.99
N GLU B 630 -22.62 -13.07 -0.18
CA GLU B 630 -21.16 -13.12 -0.26
C GLU B 630 -20.70 -14.36 0.49
N VAL B 631 -20.08 -15.31 -0.21
CA VAL B 631 -19.73 -16.59 0.37
C VAL B 631 -18.26 -16.90 0.10
N TYR B 632 -17.55 -17.31 1.14
CA TYR B 632 -16.18 -17.79 1.02
C TYR B 632 -16.11 -19.21 1.54
N CYS B 633 -15.29 -20.04 0.90
CA CYS B 633 -15.21 -21.45 1.24
C CYS B 633 -13.79 -21.94 1.04
N VAL B 634 -13.43 -22.96 1.82
CA VAL B 634 -12.10 -23.55 1.81
C VAL B 634 -12.24 -25.07 1.81
N ALA B 635 -11.45 -25.74 0.99
CA ALA B 635 -11.42 -27.19 0.90
C ALA B 635 -9.97 -27.63 0.71
N PRO B 636 -9.68 -28.92 0.91
CA PRO B 636 -8.35 -29.43 0.56
C PRO B 636 -8.09 -29.26 -0.94
N GLY B 637 -6.81 -29.11 -1.27
CA GLY B 637 -6.42 -28.81 -2.64
C GLY B 637 -6.84 -29.84 -3.66
N CYS B 638 -7.10 -31.08 -3.24
CA CYS B 638 -7.49 -32.12 -4.17
C CYS B 638 -8.98 -32.07 -4.47
N VAL B 639 -9.49 -30.89 -4.82
CA VAL B 639 -10.90 -30.74 -5.17
C VAL B 639 -11.00 -30.10 -6.55
N GLY B 640 -10.36 -28.96 -6.72
CA GLY B 640 -10.39 -28.26 -7.99
C GLY B 640 -11.58 -27.32 -8.11
N ARG B 641 -11.47 -26.40 -9.08
CA ARG B 641 -12.52 -25.40 -9.28
C ARG B 641 -13.84 -26.06 -9.68
N ALA B 642 -13.78 -27.13 -10.45
CA ALA B 642 -15.00 -27.77 -10.93
C ALA B 642 -15.87 -28.24 -9.77
N GLY B 643 -15.30 -28.96 -8.80
CA GLY B 643 -16.07 -29.37 -7.65
C GLY B 643 -16.28 -28.26 -6.63
N MET B 644 -15.35 -27.31 -6.56
CA MET B 644 -15.48 -26.23 -5.59
C MET B 644 -16.65 -25.32 -5.93
N ALA B 645 -16.88 -25.07 -7.22
CA ALA B 645 -18.06 -24.30 -7.62
C ALA B 645 -19.34 -25.02 -7.25
N ARG B 646 -19.36 -26.34 -7.42
CA ARG B 646 -20.53 -27.13 -7.02
C ARG B 646 -20.78 -27.00 -5.52
N GLU B 647 -19.72 -27.09 -4.73
CA GLU B 647 -19.87 -26.98 -3.28
C GLU B 647 -20.30 -25.58 -2.86
N VAL B 648 -19.79 -24.54 -3.53
CA VAL B 648 -20.19 -23.18 -3.22
C VAL B 648 -21.67 -22.97 -3.55
N ASN B 649 -22.10 -23.48 -4.70
CA ASN B 649 -23.52 -23.40 -5.04
C ASN B 649 -24.36 -24.16 -4.02
N ARG B 650 -23.85 -25.30 -3.54
CA ARG B 650 -24.58 -26.08 -2.54
C ARG B 650 -24.75 -25.31 -1.24
N VAL B 651 -23.67 -24.69 -0.75
CA VAL B 651 -23.76 -23.96 0.51
C VAL B 651 -24.63 -22.71 0.34
N VAL B 652 -24.54 -22.06 -0.82
CA VAL B 652 -25.41 -20.91 -1.08
C VAL B 652 -26.87 -21.33 -1.08
N GLN B 653 -27.17 -22.48 -1.70
CA GLN B 653 -28.54 -22.99 -1.69
C GLN B 653 -29.01 -23.30 -0.29
N TRP B 654 -28.13 -23.89 0.53
CA TRP B 654 -28.49 -24.15 1.93
C TRP B 654 -28.79 -22.84 2.66
N ALA B 655 -27.94 -21.83 2.47
CA ALA B 655 -28.15 -20.56 3.14
C ALA B 655 -29.45 -19.90 2.72
N ARG B 656 -29.78 -19.97 1.42
CA ARG B 656 -31.04 -19.43 0.94
C ARG B 656 -32.21 -20.21 1.51
N ARG B 657 -32.06 -21.54 1.66
CA ARG B 657 -33.10 -22.34 2.27
C ARG B 657 -33.34 -21.95 3.72
N GLU B 658 -32.26 -21.70 4.47
CA GLU B 658 -32.33 -21.34 5.87
C GLU B 658 -32.15 -19.84 6.11
N GLU B 659 -32.50 -19.02 5.11
CA GLU B 659 -32.32 -17.58 5.26
C GLU B 659 -33.19 -17.03 6.38
N GLU B 660 -34.45 -17.49 6.48
CA GLU B 660 -35.32 -17.04 7.56
C GLU B 660 -34.83 -17.52 8.91
N ARG B 661 -34.17 -18.68 8.95
CA ARG B 661 -33.72 -19.28 10.21
C ARG B 661 -32.29 -18.88 10.58
N LEU B 662 -31.62 -18.07 9.75
CA LEU B 662 -30.26 -17.66 10.02
C LEU B 662 -30.06 -16.17 10.20
N PHE B 663 -30.94 -15.34 9.64
CA PHE B 663 -30.74 -13.90 9.63
C PHE B 663 -31.97 -13.20 10.18
N ILE B 664 -31.73 -12.03 10.78
CA ILE B 664 -32.81 -11.18 11.29
C ILE B 664 -33.37 -10.41 10.09
N LEU B 665 -34.46 -10.93 9.51
CA LEU B 665 -35.05 -10.27 8.35
C LEU B 665 -35.57 -8.88 8.72
N GLY B 666 -36.21 -8.76 9.87
CA GLY B 666 -36.71 -7.47 10.33
C GLY B 666 -36.57 -7.35 11.83
N GLY B 667 -36.63 -6.10 12.29
CA GLY B 667 -36.54 -5.81 13.71
C GLY B 667 -37.86 -6.03 14.41
N GLY B 668 -37.90 -5.59 15.67
CA GLY B 668 -39.10 -5.72 16.46
C GLY B 668 -40.16 -4.69 16.11
N VAL B 669 -41.33 -4.89 16.68
CA VAL B 669 -42.45 -3.98 16.46
C VAL B 669 -42.35 -2.81 17.42
N GLY C 12 -14.48 19.24 -18.52
CA GLY C 12 -13.59 19.77 -17.51
C GLY C 12 -12.84 18.68 -16.75
N ILE C 13 -12.93 17.45 -17.24
CA ILE C 13 -12.26 16.33 -16.61
C ILE C 13 -10.77 16.42 -16.90
N ILE C 14 -9.97 16.61 -15.86
CA ILE C 14 -8.52 16.63 -16.01
C ILE C 14 -8.03 15.19 -16.09
N PRO C 15 -7.40 14.79 -17.19
CA PRO C 15 -6.91 13.41 -17.29
C PRO C 15 -5.73 13.17 -16.37
N ALA C 16 -5.55 11.90 -16.01
CA ALA C 16 -4.43 11.52 -15.17
C ALA C 16 -3.12 11.80 -15.88
N GLN C 17 -2.18 12.40 -15.16
CA GLN C 17 -0.87 12.73 -15.72
C GLN C 17 0.18 12.56 -14.64
N LEU C 18 1.43 12.42 -15.08
CA LEU C 18 2.54 12.29 -14.15
C LEU C 18 2.71 13.59 -13.37
N GLY C 19 2.38 13.55 -12.07
CA GLY C 19 2.54 14.73 -11.24
C GLY C 19 3.98 15.19 -11.18
N PHE C 20 4.89 14.26 -10.90
CA PHE C 20 6.32 14.54 -10.97
C PHE C 20 7.08 13.23 -10.96
N LEU C 21 8.35 13.31 -11.36
CA LEU C 21 9.25 12.18 -11.35
C LEU C 21 10.64 12.68 -10.95
N ALA C 22 11.40 11.81 -10.28
CA ALA C 22 12.73 12.18 -9.83
C ALA C 22 13.60 10.93 -9.72
N ILE C 23 14.87 11.09 -10.04
CA ILE C 23 15.88 10.06 -9.82
C ILE C 23 16.92 10.66 -8.88
N TYR C 24 17.14 9.99 -7.75
CA TYR C 24 18.04 10.50 -6.72
C TYR C 24 18.88 9.38 -6.14
N ASN C 25 20.07 9.74 -5.67
CA ASN C 25 20.97 8.82 -4.98
C ASN C 25 21.21 9.40 -3.61
N PRO C 26 20.66 8.81 -2.54
CA PRO C 26 20.85 9.39 -1.20
C PRO C 26 22.31 9.52 -0.79
N ALA C 27 23.17 8.61 -1.26
CA ALA C 27 24.59 8.71 -0.91
C ALA C 27 25.29 9.88 -1.59
N LEU C 28 24.65 10.51 -2.58
CA LEU C 28 25.25 11.69 -3.21
C LEU C 28 25.13 12.92 -2.32
N GLY C 29 24.01 13.06 -1.62
CA GLY C 29 23.85 14.18 -0.71
C GLY C 29 23.93 13.76 0.74
N THR C 30 25.06 14.07 1.39
CA THR C 30 25.28 13.71 2.78
C THR C 30 25.05 14.88 3.73
N THR C 31 25.66 16.03 3.46
CA THR C 31 25.51 17.22 4.29
C THR C 31 24.51 18.17 3.66
N ASP C 32 24.31 19.31 4.30
CA ASP C 32 23.43 20.33 3.77
C ASP C 32 24.09 21.05 2.60
N GLU C 33 23.26 21.74 1.81
CA GLU C 33 23.67 22.39 0.56
C GLU C 33 24.17 21.37 -0.46
N THR C 34 24.10 20.09 -0.11
CA THR C 34 24.32 19.01 -1.06
C THR C 34 23.08 18.17 -1.27
N LEU C 35 21.96 18.54 -0.64
CA LEU C 35 20.70 17.83 -0.87
C LEU C 35 20.25 17.96 -2.31
N GLU C 36 20.48 19.13 -2.92
CA GLU C 36 20.17 19.32 -4.33
C GLU C 36 21.05 18.45 -5.22
N ASP C 37 22.20 18.01 -4.73
CA ASP C 37 23.01 17.07 -5.49
C ASP C 37 22.40 15.68 -5.49
N GLN C 38 21.50 15.39 -4.55
CA GLN C 38 20.85 14.08 -4.53
C GLN C 38 19.98 13.89 -5.76
N ILE C 39 19.22 14.91 -6.14
CA ILE C 39 18.28 14.77 -7.26
C ILE C 39 19.06 14.84 -8.56
N VAL C 40 19.50 13.68 -9.05
CA VAL C 40 20.22 13.63 -10.31
C VAL C 40 19.28 13.92 -11.48
N TYR C 41 17.98 13.73 -11.27
CA TYR C 41 16.99 14.11 -12.27
C TYR C 41 15.69 14.49 -11.60
N TYR C 42 15.03 15.52 -12.13
CA TYR C 42 13.70 15.88 -11.67
C TYR C 42 12.90 16.42 -12.85
N ALA C 43 11.61 16.09 -12.88
CA ALA C 43 10.73 16.55 -13.95
C ALA C 43 9.33 16.69 -13.41
N THR C 44 8.61 17.71 -13.89
CA THR C 44 7.22 17.92 -13.54
C THR C 44 6.46 18.26 -14.82
N ALA C 45 5.12 18.31 -14.70
CA ALA C 45 4.29 18.51 -15.88
C ALA C 45 4.58 19.83 -16.57
N SER C 46 4.73 20.91 -15.79
CA SER C 46 5.10 22.19 -16.38
C SER C 46 6.46 22.13 -17.04
N THR C 47 7.42 21.46 -16.40
CA THR C 47 8.71 21.23 -17.05
C THR C 47 8.57 20.31 -18.26
N LEU C 48 7.73 19.28 -18.13
CA LEU C 48 7.59 18.28 -19.19
C LEU C 48 6.85 18.82 -20.41
N SER C 49 6.20 19.99 -20.29
CA SER C 49 5.42 20.51 -21.41
C SER C 49 6.29 20.80 -22.62
N GLN C 50 7.47 21.40 -22.41
CA GLN C 50 8.34 21.72 -23.53
C GLN C 50 8.83 20.47 -24.23
N ALA C 51 9.26 19.46 -23.45
CA ALA C 51 9.71 18.20 -24.04
C ALA C 51 8.57 17.51 -24.77
N ARG C 52 7.35 17.55 -24.23
CA ARG C 52 6.21 16.96 -24.89
C ARG C 52 5.93 17.65 -26.22
N ARG C 53 6.08 18.97 -26.26
CA ARG C 53 5.94 19.69 -27.51
C ARG C 53 7.02 19.27 -28.51
N ARG C 54 8.26 19.11 -28.04
CA ARG C 54 9.34 18.72 -28.94
C ARG C 54 9.33 17.21 -29.21
N HIS C 55 9.50 16.41 -28.16
CA HIS C 55 9.53 14.96 -28.32
C HIS C 55 8.13 14.42 -28.61
N PRO C 93 15.19 27.79 -15.00
CA PRO C 93 13.92 28.46 -14.72
C PRO C 93 13.34 28.08 -13.37
N VAL C 94 14.00 27.14 -12.67
CA VAL C 94 13.54 26.72 -11.36
C VAL C 94 13.78 27.84 -10.35
N SER C 95 12.98 27.84 -9.28
CA SER C 95 13.09 28.83 -8.22
C SER C 95 13.26 28.14 -6.88
N LYS C 96 13.33 28.94 -5.82
CA LYS C 96 13.58 28.40 -4.49
C LYS C 96 12.40 27.56 -4.00
N GLU C 97 11.17 27.99 -4.30
CA GLU C 97 10.00 27.24 -3.84
C GLU C 97 9.92 25.87 -4.50
N GLU C 98 10.18 25.80 -5.81
CA GLU C 98 10.18 24.51 -6.49
C GLU C 98 11.28 23.59 -5.97
N ARG C 99 12.46 24.15 -5.72
CA ARG C 99 13.54 23.35 -5.14
C ARG C 99 13.16 22.84 -3.76
N HIS C 100 12.49 23.68 -2.96
CA HIS C 100 12.03 23.25 -1.65
C HIS C 100 11.05 22.10 -1.77
N GLU C 101 10.12 22.20 -2.73
CA GLU C 101 9.17 21.10 -2.94
C GLU C 101 9.88 19.82 -3.35
N ARG C 102 10.85 19.93 -4.25
CA ARG C 102 11.59 18.76 -4.70
C ARG C 102 12.33 18.10 -3.54
N LEU C 103 13.06 18.91 -2.76
CA LEU C 103 13.79 18.36 -1.62
C LEU C 103 12.85 17.78 -0.58
N ARG C 104 11.70 18.41 -0.36
CA ARG C 104 10.73 17.89 0.59
C ARG C 104 10.21 16.53 0.14
N GLN C 105 9.90 16.39 -1.15
CA GLN C 105 9.40 15.11 -1.65
C GLN C 105 10.46 14.02 -1.55
N ILE C 106 11.71 14.35 -1.92
CA ILE C 106 12.77 13.35 -1.86
C ILE C 106 13.06 12.95 -0.42
N GLY C 107 13.10 13.93 0.49
CA GLY C 107 13.29 13.62 1.90
C GLY C 107 12.14 12.84 2.48
N LEU C 108 10.92 13.10 2.03
CA LEU C 108 9.77 12.33 2.48
C LEU C 108 9.88 10.88 2.03
N ALA C 109 10.30 10.65 0.79
CA ALA C 109 10.50 9.29 0.32
C ALA C 109 11.60 8.58 1.11
N GLN C 110 12.71 9.26 1.36
CA GLN C 110 13.78 8.65 2.16
C GLN C 110 13.32 8.40 3.59
N GLY C 111 12.51 9.30 4.14
CA GLY C 111 11.99 9.10 5.48
C GLY C 111 11.07 7.89 5.56
N MET C 112 10.21 7.71 4.56
CA MET C 112 9.41 6.49 4.52
C MET C 112 10.28 5.25 4.41
N VAL C 113 11.31 5.30 3.57
CA VAL C 113 12.19 4.14 3.42
C VAL C 113 12.82 3.79 4.75
N GLU C 114 13.39 4.79 5.43
CA GLU C 114 14.07 4.53 6.71
C GLU C 114 13.08 4.10 7.78
N PHE C 115 11.88 4.69 7.80
CA PHE C 115 10.88 4.34 8.79
C PHE C 115 10.36 2.92 8.60
N ALA C 116 10.24 2.48 7.36
CA ALA C 116 9.79 1.13 7.06
C ALA C 116 10.91 0.10 7.06
N LYS C 117 12.18 0.55 7.12
CA LYS C 117 13.27 -0.42 7.25
C LYS C 117 13.09 -1.29 8.48
N SER C 118 12.58 -0.72 9.58
CA SER C 118 12.42 -1.48 10.81
C SER C 118 11.27 -2.47 10.70
N PHE C 119 10.13 -2.04 10.16
CA PHE C 119 8.97 -2.92 10.11
C PHE C 119 9.11 -4.00 9.04
N SER C 120 9.61 -3.63 7.87
CA SER C 120 9.75 -4.57 6.75
C SER C 120 11.04 -5.37 6.80
N ASP C 121 11.91 -5.09 7.77
CA ASP C 121 13.15 -5.85 7.96
C ASP C 121 14.01 -5.84 6.69
N GLY C 122 14.20 -4.65 6.13
CA GLY C 122 15.07 -4.44 4.99
C GLY C 122 14.35 -3.98 3.73
N GLU C 123 13.10 -4.37 3.57
CA GLU C 123 12.35 -3.97 2.39
C GLU C 123 12.00 -2.49 2.47
N PRO C 124 12.20 -1.73 1.40
CA PRO C 124 11.85 -0.31 1.41
C PRO C 124 10.42 -0.06 0.93
N VAL C 125 9.99 1.19 1.09
CA VAL C 125 8.67 1.58 0.62
C VAL C 125 8.66 1.62 -0.90
N ASP C 126 7.72 0.90 -1.51
CA ASP C 126 7.60 0.84 -2.95
C ASP C 126 6.37 1.55 -3.50
N THR C 127 5.26 1.52 -2.78
CA THR C 127 4.02 2.15 -3.23
C THR C 127 3.49 3.06 -2.13
N ILE C 128 2.99 4.22 -2.51
CA ILE C 128 2.36 5.16 -1.61
C ILE C 128 1.01 5.54 -2.21
N ASP C 129 -0.06 5.32 -1.44
CA ASP C 129 -1.42 5.61 -1.89
C ASP C 129 -1.88 6.90 -1.21
N THR C 130 -2.09 7.94 -2.01
CA THR C 130 -2.56 9.23 -1.53
C THR C 130 -3.91 9.55 -2.15
N GLU C 131 -4.55 10.60 -1.61
CA GLU C 131 -5.87 10.98 -2.10
C GLU C 131 -5.83 11.45 -3.54
N LYS C 132 -4.82 12.26 -3.90
CA LYS C 132 -4.78 12.89 -5.21
C LYS C 132 -3.69 12.34 -6.11
N ALA C 133 -2.90 11.36 -5.66
CA ALA C 133 -1.81 10.86 -6.48
C ALA C 133 -1.45 9.45 -6.05
N ARG C 134 -0.78 8.74 -6.95
CA ARG C 134 -0.23 7.41 -6.69
C ARG C 134 1.27 7.50 -6.86
N VAL C 135 2.01 7.18 -5.80
CA VAL C 135 3.46 7.38 -5.77
C VAL C 135 4.14 6.04 -5.84
N ILE C 136 5.15 5.92 -6.71
CA ILE C 136 5.92 4.70 -6.89
C ILE C 136 7.38 5.01 -6.59
N LEU C 137 7.95 4.26 -5.66
CA LEU C 137 9.36 4.40 -5.30
C LEU C 137 10.06 3.09 -5.66
N VAL C 138 10.95 3.15 -6.64
CA VAL C 138 11.64 1.97 -7.16
C VAL C 138 13.13 2.15 -6.95
N GLU C 139 13.75 1.18 -6.28
CA GLU C 139 15.20 1.16 -6.17
C GLU C 139 15.75 0.48 -7.41
N VAL C 140 16.23 1.28 -8.36
CA VAL C 140 16.67 0.73 -9.63
C VAL C 140 17.92 -0.12 -9.45
N GLU C 141 18.81 0.31 -8.56
CA GLU C 141 19.97 -0.48 -8.18
C GLU C 141 20.40 -0.03 -6.79
N GLU C 142 21.55 -0.52 -6.33
CA GLU C 142 22.01 -0.22 -4.99
C GLU C 142 22.28 1.26 -4.80
N GLY C 143 21.44 1.93 -4.00
CA GLY C 143 21.63 3.33 -3.69
C GLY C 143 21.02 4.30 -4.68
N TRP C 144 20.34 3.82 -5.71
CA TRP C 144 19.74 4.67 -6.73
C TRP C 144 18.23 4.45 -6.73
N TRP C 145 17.47 5.52 -6.54
CA TRP C 145 16.03 5.42 -6.41
C TRP C 145 15.36 6.33 -7.42
N ILE C 146 14.17 5.93 -7.86
CA ILE C 146 13.33 6.76 -8.71
C ILE C 146 11.96 6.85 -8.05
N LEU C 147 11.50 8.07 -7.82
CA LEU C 147 10.23 8.35 -7.17
C LEU C 147 9.34 9.08 -8.17
N ALA C 148 8.17 8.51 -8.45
CA ALA C 148 7.27 9.06 -9.46
C ALA C 148 5.86 9.13 -8.88
N SER C 149 5.33 10.34 -8.73
CA SER C 149 3.95 10.52 -8.31
C SER C 149 3.11 10.85 -9.54
N ILE C 150 2.06 10.08 -9.74
CA ILE C 150 1.17 10.22 -10.89
C ILE C 150 -0.15 10.78 -10.36
N ASP C 151 -0.58 11.90 -10.92
CA ASP C 151 -1.82 12.52 -10.51
C ASP C 151 -3.01 11.72 -11.03
N LEU C 152 -3.98 11.46 -10.17
CA LEU C 152 -5.17 10.73 -10.56
C LEU C 152 -6.11 11.64 -11.37
N THR C 153 -7.07 11.01 -12.04
CA THR C 153 -8.04 11.75 -12.83
C THR C 153 -8.89 12.65 -11.95
N ARG C 154 -9.06 13.89 -12.38
CA ARG C 154 -9.89 14.87 -11.67
C ARG C 154 -11.24 14.98 -12.38
N LEU C 155 -12.32 14.77 -11.64
CA LEU C 155 -13.67 14.84 -12.17
C LEU C 155 -14.42 15.96 -11.48
N PRO C 156 -14.91 16.98 -12.22
CA PRO C 156 -15.66 18.09 -11.66
C PRO C 156 -16.93 17.66 -10.91
N ALA C 183 -14.80 22.12 -6.79
CA ALA C 183 -14.26 20.92 -6.15
C ALA C 183 -13.95 19.84 -7.18
N TYR C 184 -13.17 18.85 -6.78
CA TYR C 184 -12.75 17.77 -7.66
C TYR C 184 -12.95 16.43 -6.96
N GLU C 185 -13.21 15.40 -7.75
CA GLU C 185 -13.23 14.03 -7.29
C GLU C 185 -12.08 13.28 -7.96
N TYR C 186 -11.23 12.63 -7.17
CA TYR C 186 -10.00 12.04 -7.67
C TYR C 186 -10.19 10.54 -7.81
N SER C 187 -10.10 10.05 -9.06
CA SER C 187 -10.33 8.65 -9.35
C SER C 187 -9.17 8.09 -10.17
N SER C 188 -8.83 6.83 -9.91
CA SER C 188 -7.76 6.14 -10.60
C SER C 188 -8.31 4.96 -11.40
N ARG C 189 -9.43 5.16 -12.08
CA ARG C 189 -10.07 4.08 -12.82
C ARG C 189 -9.20 3.61 -13.97
N GLU C 190 -8.60 4.54 -14.71
CA GLU C 190 -7.80 4.20 -15.89
C GLU C 190 -6.30 4.29 -15.64
N VAL C 191 -5.87 4.77 -14.49
CA VAL C 191 -4.45 4.90 -14.22
C VAL C 191 -3.82 3.52 -14.07
N LYS C 192 -2.57 3.40 -14.48
CA LYS C 192 -1.86 2.14 -14.35
C LYS C 192 -1.70 1.78 -12.89
N PRO C 193 -1.79 0.50 -12.53
CA PRO C 193 -1.56 0.10 -11.14
C PRO C 193 -0.10 0.28 -10.76
N PRO C 194 0.22 0.23 -9.47
CA PRO C 194 1.63 0.41 -9.07
C PRO C 194 2.58 -0.58 -9.72
N SER C 195 2.14 -1.82 -9.92
CA SER C 195 3.00 -2.82 -10.55
C SER C 195 3.36 -2.41 -11.97
N LEU C 196 2.39 -1.95 -12.75
CA LEU C 196 2.66 -1.57 -14.13
C LEU C 196 3.51 -0.31 -14.21
N LEU C 197 3.27 0.66 -13.32
CA LEU C 197 4.10 1.85 -13.30
C LEU C 197 5.54 1.51 -12.94
N ARG C 198 5.73 0.63 -11.96
CA ARG C 198 7.08 0.20 -11.61
C ARG C 198 7.73 -0.55 -12.77
N ALA C 199 6.96 -1.39 -13.47
CA ALA C 199 7.51 -2.10 -14.62
C ALA C 199 7.95 -1.13 -15.71
N ASP C 200 7.13 -0.11 -15.98
CA ASP C 200 7.49 0.87 -16.99
C ASP C 200 8.74 1.66 -16.60
N LEU C 201 8.82 2.06 -15.32
CA LEU C 201 10.00 2.77 -14.86
C LEU C 201 11.24 1.91 -14.94
N LEU C 202 11.13 0.63 -14.57
CA LEU C 202 12.27 -0.27 -14.67
C LEU C 202 12.69 -0.49 -16.11
N ARG C 203 11.72 -0.60 -17.02
CA ARG C 203 12.04 -0.75 -18.44
C ARG C 203 12.75 0.49 -18.97
N ALA C 204 12.28 1.68 -18.58
CA ALA C 204 12.96 2.91 -18.99
C ALA C 204 14.38 2.97 -18.43
N TYR C 205 14.56 2.58 -17.18
CA TYR C 205 15.88 2.57 -16.58
C TYR C 205 16.80 1.58 -17.30
N ASP C 206 16.27 0.41 -17.66
CA ASP C 206 17.05 -0.57 -18.40
C ASP C 206 17.43 -0.04 -19.77
N LEU C 207 16.51 0.68 -20.43
CA LEU C 207 16.85 1.28 -21.72
C LEU C 207 17.93 2.34 -21.57
N PHE C 208 17.84 3.16 -20.51
CA PHE C 208 18.87 4.16 -20.27
C PHE C 208 20.22 3.50 -20.06
N LEU C 209 20.25 2.42 -19.27
CA LEU C 209 21.50 1.67 -19.09
C LEU C 209 21.98 1.10 -20.41
N LEU C 210 21.05 0.64 -21.25
CA LEU C 210 21.42 0.10 -22.56
C LEU C 210 22.12 1.17 -23.40
N HIS C 211 21.62 2.40 -23.36
CA HIS C 211 22.23 3.48 -24.12
C HIS C 211 23.35 4.19 -23.38
N HIS C 212 23.56 3.90 -22.10
CA HIS C 212 24.60 4.58 -21.33
C HIS C 212 25.17 3.60 -20.30
N GLY C 213 26.43 3.20 -20.50
CA GLY C 213 27.19 2.44 -19.50
C GLY C 213 26.56 1.16 -18.98
N SER C 214 27.14 0.62 -17.92
CA SER C 214 26.68 -0.65 -17.37
C SER C 214 25.64 -0.47 -16.26
N SER C 215 25.95 0.37 -15.28
CA SER C 215 25.04 0.61 -14.16
C SER C 215 25.20 2.05 -13.71
N LEU C 216 24.13 2.59 -13.12
CA LEU C 216 24.11 4.00 -12.77
C LEU C 216 25.27 4.39 -11.88
N SER C 217 25.67 3.50 -10.96
CA SER C 217 26.84 3.77 -10.14
C SER C 217 28.09 3.87 -11.00
N SER C 218 28.25 2.95 -11.95
CA SER C 218 29.38 3.02 -12.87
C SER C 218 29.29 4.26 -13.75
N LEU C 219 28.08 4.60 -14.22
CA LEU C 219 27.89 5.81 -14.99
C LEU C 219 28.41 7.03 -14.23
N LEU C 220 27.99 7.17 -12.97
CA LEU C 220 28.46 8.29 -12.16
C LEU C 220 29.96 8.26 -12.00
N ALA C 221 30.49 7.15 -11.48
CA ALA C 221 31.91 7.06 -11.17
C ALA C 221 32.79 7.23 -12.40
N SER C 222 32.25 7.02 -13.59
CA SER C 222 33.03 7.20 -14.81
C SER C 222 32.91 8.60 -15.38
N GLN C 223 31.67 9.08 -15.59
CA GLN C 223 31.45 10.30 -16.35
C GLN C 223 31.17 11.53 -15.51
N GLY C 224 31.20 11.43 -14.18
CA GLY C 224 30.92 12.62 -13.39
C GLY C 224 29.44 12.91 -13.26
N ARG C 225 29.07 13.55 -12.15
CA ARG C 225 27.67 13.81 -11.87
C ARG C 225 27.06 14.76 -12.89
N ALA C 226 27.84 15.70 -13.42
CA ALA C 226 27.30 16.65 -14.39
C ALA C 226 26.90 15.94 -15.68
N GLN C 227 27.80 15.11 -16.22
CA GLN C 227 27.47 14.37 -17.43
C GLN C 227 26.33 13.38 -17.18
N LEU C 228 26.32 12.75 -16.01
CA LEU C 228 25.21 11.85 -15.68
C LEU C 228 23.89 12.62 -15.65
N VAL C 229 23.91 13.83 -15.07
CA VAL C 229 22.71 14.65 -15.02
C VAL C 229 22.25 15.01 -16.43
N ALA C 230 23.18 15.39 -17.29
CA ALA C 230 22.81 15.76 -18.66
C ALA C 230 22.19 14.58 -19.40
N SER C 231 22.83 13.42 -19.33
CA SER C 231 22.32 12.25 -20.03
C SER C 231 20.96 11.84 -19.48
N LEU C 232 20.82 11.82 -18.16
CA LEU C 232 19.55 11.47 -17.54
C LEU C 232 18.47 12.46 -17.94
N THR C 233 18.79 13.76 -17.92
CA THR C 233 17.81 14.76 -18.29
C THR C 233 17.33 14.55 -19.72
N ARG C 234 18.25 14.37 -20.66
CA ARG C 234 17.84 14.17 -22.05
C ARG C 234 16.98 12.92 -22.20
N PHE C 235 17.48 11.78 -21.71
CA PHE C 235 16.76 10.53 -21.94
C PHE C 235 15.40 10.54 -21.26
N TRP C 236 15.35 10.97 -19.99
CA TRP C 236 14.11 10.89 -19.25
C TRP C 236 13.12 11.97 -19.66
N ASP C 237 13.58 13.15 -20.09
CA ASP C 237 12.67 14.11 -20.68
C ASP C 237 12.03 13.53 -21.94
N HIS C 238 12.85 12.90 -22.80
CA HIS C 238 12.30 12.29 -24.00
C HIS C 238 11.31 11.19 -23.66
N PHE C 239 11.64 10.35 -22.68
CA PHE C 239 10.75 9.24 -22.34
C PHE C 239 9.46 9.72 -21.70
N LEU C 240 9.56 10.65 -20.76
CA LEU C 240 8.40 11.15 -20.02
C LEU C 240 7.53 12.05 -20.88
N ALA C 241 8.06 12.60 -21.97
CA ALA C 241 7.22 13.37 -22.88
C ALA C 241 6.14 12.49 -23.51
N THR C 242 6.50 11.25 -23.84
CA THR C 242 5.60 10.33 -24.51
C THR C 242 5.00 9.28 -23.58
N TRP C 243 5.40 9.23 -22.32
CA TRP C 243 4.88 8.23 -21.41
C TRP C 243 3.40 8.47 -21.13
N ASN C 244 2.63 7.40 -21.08
CA ASN C 244 1.20 7.44 -20.83
C ASN C 244 0.92 6.76 -19.50
N VAL C 245 0.64 7.56 -18.47
CA VAL C 245 0.36 7.00 -17.15
C VAL C 245 -0.95 6.24 -17.12
N LEU C 246 -1.86 6.52 -18.04
CA LEU C 246 -3.09 5.76 -18.14
C LEU C 246 -2.82 4.38 -18.75
N LEU C 247 -3.78 3.48 -18.61
CA LEU C 247 -3.67 2.17 -19.21
C LEU C 247 -3.79 2.28 -20.72
N HIS C 248 -2.85 1.67 -21.43
CA HIS C 248 -2.83 1.72 -22.89
C HIS C 248 -1.99 0.57 -23.41
N GLY C 249 -2.17 0.28 -24.70
CA GLY C 249 -1.43 -0.83 -25.31
C GLY C 249 -1.82 -2.14 -24.66
N ASN C 250 -0.81 -2.93 -24.29
CA ASN C 250 -1.02 -4.25 -23.70
C ASN C 250 -0.40 -4.25 -22.30
N PRO C 251 -1.16 -3.88 -21.27
CA PRO C 251 -0.61 -3.89 -19.91
C PRO C 251 -0.15 -5.26 -19.45
N ALA C 252 -0.81 -6.32 -19.88
CA ALA C 252 -0.43 -7.66 -19.45
C ALA C 252 0.99 -8.01 -19.91
N CYS C 253 1.32 -7.64 -21.15
CA CYS C 253 2.68 -7.86 -21.64
C CYS C 253 3.67 -6.89 -21.00
N ASP C 254 3.22 -5.66 -20.71
CA ASP C 254 4.13 -4.64 -20.21
C ASP C 254 4.54 -4.89 -18.75
N VAL C 255 3.64 -5.45 -17.94
CA VAL C 255 3.95 -5.61 -16.52
C VAL C 255 5.08 -6.63 -16.32
N PHE C 256 5.09 -7.68 -17.13
CA PHE C 256 6.11 -8.71 -17.00
C PHE C 256 7.48 -8.24 -17.47
N GLY C 257 7.53 -7.18 -18.27
CA GLY C 257 8.78 -6.85 -18.95
C GLY C 257 9.11 -7.97 -19.93
N GLY C 258 10.30 -8.53 -19.80
CA GLY C 258 10.66 -9.68 -20.61
C GLY C 258 10.76 -9.35 -22.09
N ILE C 259 10.87 -10.41 -22.88
CA ILE C 259 11.00 -10.31 -24.32
C ILE C 259 9.65 -10.68 -24.92
N LYS C 260 9.00 -9.72 -25.57
CA LYS C 260 7.70 -9.95 -26.20
C LYS C 260 7.93 -10.57 -27.57
N LEU C 261 7.73 -11.89 -27.65
CA LEU C 261 7.88 -12.57 -28.92
C LEU C 261 6.70 -12.28 -29.83
N ALA C 262 6.93 -12.43 -31.13
CA ALA C 262 5.85 -12.27 -32.10
C ALA C 262 4.86 -13.40 -31.98
N ALA C 263 3.77 -13.30 -32.76
CA ALA C 263 2.76 -14.35 -32.74
C ALA C 263 3.33 -15.68 -33.21
N SER C 264 4.18 -15.65 -34.24
CA SER C 264 4.82 -16.87 -34.71
C SER C 264 5.79 -17.46 -33.70
N GLY C 265 6.30 -16.65 -32.78
CA GLY C 265 7.27 -17.13 -31.81
C GLY C 265 8.68 -17.01 -32.35
N GLU C 266 9.44 -18.09 -32.26
CA GLU C 266 10.80 -18.14 -32.77
C GLU C 266 10.84 -18.91 -34.08
N LEU C 267 11.94 -18.74 -34.81
CA LEU C 267 12.16 -19.51 -36.01
C LEU C 267 12.45 -20.97 -35.67
N GLY C 268 12.30 -21.83 -36.68
CA GLY C 268 12.57 -23.25 -36.51
C GLY C 268 13.97 -23.52 -36.05
N ILE C 269 14.12 -24.29 -34.96
CA ILE C 269 15.44 -24.51 -34.38
C ILE C 269 16.30 -25.35 -35.30
N GLY C 270 15.76 -26.44 -35.83
CA GLY C 270 16.54 -27.35 -36.63
C GLY C 270 15.84 -27.85 -37.88
N VAL C 271 16.46 -28.82 -38.56
CA VAL C 271 15.87 -29.35 -39.79
C VAL C 271 14.53 -30.01 -39.49
N GLY C 272 13.58 -29.82 -40.40
CA GLY C 272 12.23 -30.28 -40.22
C GLY C 272 11.24 -29.19 -39.86
N GLU C 273 11.73 -28.04 -39.41
CA GLU C 273 10.89 -26.90 -39.09
C GLU C 273 11.10 -25.75 -40.07
N GLU C 274 11.38 -26.08 -41.34
CA GLU C 274 11.67 -25.05 -42.33
C GLU C 274 10.49 -24.13 -42.59
N GLU C 275 9.27 -24.58 -42.30
CA GLU C 275 8.11 -23.70 -42.43
C GLU C 275 8.20 -22.53 -41.45
N ARG C 276 8.65 -22.80 -40.23
CA ARG C 276 8.83 -21.74 -39.23
C ARG C 276 10.08 -20.91 -39.49
N GLY C 277 10.96 -21.34 -40.38
CA GLY C 277 12.17 -20.59 -40.66
C GLY C 277 13.43 -21.25 -40.17
N SER C 278 13.50 -22.58 -40.27
CA SER C 278 14.72 -23.29 -39.88
C SER C 278 15.90 -22.89 -40.74
N GLY C 279 15.72 -22.91 -42.07
CA GLY C 279 16.75 -22.41 -42.95
C GLY C 279 16.99 -20.93 -42.76
N GLU C 280 15.95 -20.20 -42.39
CA GLU C 280 16.06 -18.79 -42.08
C GLU C 280 16.95 -18.57 -40.86
N ARG C 281 16.74 -19.38 -39.81
CA ARG C 281 17.58 -19.28 -38.62
C ARG C 281 19.01 -19.69 -38.94
N GLU C 282 19.19 -20.71 -39.77
CA GLU C 282 20.53 -21.09 -40.21
C GLU C 282 21.21 -19.96 -40.96
N VAL C 283 20.47 -19.25 -41.81
CA VAL C 283 21.02 -18.11 -42.52
C VAL C 283 21.44 -17.02 -41.54
N LEU C 284 20.62 -16.75 -40.53
CA LEU C 284 20.99 -15.74 -39.54
C LEU C 284 22.23 -16.15 -38.76
N GLU C 285 22.33 -17.43 -38.39
CA GLU C 285 23.50 -17.91 -37.66
C GLU C 285 24.75 -17.83 -38.52
N GLY C 286 24.65 -18.20 -39.80
CA GLY C 286 25.77 -18.06 -40.71
C GLY C 286 26.15 -16.62 -40.96
N LEU C 287 25.18 -15.71 -40.90
CA LEU C 287 25.48 -14.29 -40.95
C LEU C 287 26.27 -13.87 -39.73
N VAL C 288 25.88 -14.36 -38.56
CA VAL C 288 26.60 -14.00 -37.32
C VAL C 288 28.03 -14.50 -37.39
N GLU C 289 28.22 -15.75 -37.82
CA GLU C 289 29.56 -16.32 -37.82
C GLU C 289 30.43 -15.77 -38.95
N ARG C 290 29.86 -15.64 -40.15
CA ARG C 290 30.63 -15.27 -41.33
C ARG C 290 31.00 -13.79 -41.32
N VAL C 291 30.06 -12.92 -40.95
CA VAL C 291 30.30 -11.49 -41.00
C VAL C 291 31.31 -11.12 -39.93
N GLU C 292 32.40 -10.47 -40.33
CA GLU C 292 33.46 -10.09 -39.39
C GLU C 292 32.94 -9.05 -38.40
N GLY C 293 33.25 -9.27 -37.13
CA GLY C 293 32.89 -8.33 -36.09
C GLY C 293 31.45 -8.39 -35.63
N LEU C 294 30.63 -9.27 -36.20
CA LEU C 294 29.23 -9.38 -35.79
C LEU C 294 29.14 -10.27 -34.56
N VAL C 295 28.57 -9.73 -33.49
CA VAL C 295 28.45 -10.46 -32.24
C VAL C 295 27.07 -11.09 -32.09
N ASP C 296 26.01 -10.31 -32.33
CA ASP C 296 24.66 -10.84 -32.15
C ASP C 296 23.72 -10.23 -33.16
N VAL C 297 22.61 -10.92 -33.39
CA VAL C 297 21.55 -10.45 -34.29
C VAL C 297 20.20 -10.75 -33.64
N VAL C 298 19.32 -9.76 -33.59
CA VAL C 298 17.94 -9.96 -33.18
C VAL C 298 17.03 -9.33 -34.22
N VAL C 299 16.04 -10.08 -34.69
CA VAL C 299 15.11 -9.58 -35.69
C VAL C 299 13.69 -9.72 -35.17
N GLY C 300 12.91 -8.66 -35.29
CA GLY C 300 11.53 -8.66 -34.84
C GLY C 300 10.61 -8.10 -35.89
N ARG C 301 9.39 -8.65 -35.92
CA ARG C 301 8.36 -8.20 -36.85
C ARG C 301 7.46 -7.20 -36.15
N TYR C 302 7.22 -6.06 -36.81
CA TYR C 302 6.40 -5.00 -36.26
C TYR C 302 5.57 -4.42 -37.40
N GLY C 303 4.28 -4.72 -37.40
CA GLY C 303 3.41 -4.23 -38.46
C GLY C 303 3.12 -5.29 -39.50
N GLY C 304 2.93 -4.86 -40.75
CA GLY C 304 2.61 -5.77 -41.82
C GLY C 304 3.46 -5.54 -43.06
N PRO C 305 3.22 -6.35 -44.08
CA PRO C 305 3.96 -6.20 -45.35
C PRO C 305 3.59 -4.88 -46.03
N PRO C 306 4.39 -4.45 -47.01
CA PRO C 306 4.08 -3.18 -47.68
C PRO C 306 2.72 -3.22 -48.36
N SER C 307 2.03 -2.08 -48.34
CA SER C 307 0.71 -1.98 -48.96
C SER C 307 0.81 -2.00 -50.47
N GLU C 313 4.39 6.38 -48.72
CA GLU C 313 3.28 7.07 -48.06
C GLU C 313 2.82 6.31 -46.82
N GLU C 314 3.40 5.14 -46.59
CA GLU C 314 2.98 4.32 -45.46
C GLU C 314 3.43 4.94 -44.14
N GLN C 315 4.67 5.43 -44.08
CA GLN C 315 5.24 5.99 -42.85
C GLN C 315 5.07 5.01 -41.69
N TRP C 316 5.38 3.74 -41.95
CA TRP C 316 5.10 2.68 -40.97
C TRP C 316 5.98 2.82 -39.74
N LEU C 317 7.22 3.27 -39.91
CA LEU C 317 8.17 3.27 -38.80
C LEU C 317 7.85 4.30 -37.73
N GLY C 318 6.93 5.23 -37.98
CA GLY C 318 6.58 6.22 -36.98
C GLY C 318 5.25 5.96 -36.33
N LEU C 319 4.32 6.92 -36.48
CA LEU C 319 2.93 6.82 -36.04
C LEU C 319 2.80 6.89 -34.51
N GLY C 320 3.92 6.84 -33.80
CA GLY C 320 3.93 6.90 -32.34
C GLY C 320 2.90 6.02 -31.66
N GLY C 321 2.50 4.93 -32.32
CA GLY C 321 1.40 4.11 -31.85
C GLY C 321 1.77 3.14 -30.74
N GLU C 322 1.23 1.94 -30.81
CA GLU C 322 1.47 0.92 -29.81
C GLU C 322 1.85 -0.38 -30.51
N VAL C 323 2.69 -1.17 -29.84
CA VAL C 323 3.12 -2.45 -30.38
C VAL C 323 1.93 -3.41 -30.36
N GLY C 324 1.60 -3.96 -31.52
CA GLY C 324 0.47 -4.87 -31.61
C GLY C 324 0.76 -6.20 -30.92
N GLU C 325 -0.32 -6.95 -30.69
CA GLU C 325 -0.18 -8.25 -30.06
C GLU C 325 0.61 -9.22 -30.93
N GLU C 326 0.43 -9.14 -32.26
CA GLU C 326 1.21 -9.99 -33.16
C GLU C 326 2.64 -9.49 -33.31
N ASP C 327 2.86 -8.18 -33.21
CA ASP C 327 4.19 -7.63 -33.33
C ASP C 327 5.06 -8.06 -32.15
N GLY C 328 6.33 -8.32 -32.43
CA GLY C 328 7.25 -8.71 -31.39
C GLY C 328 8.51 -9.31 -31.98
N ALA C 329 9.42 -9.69 -31.10
CA ALA C 329 10.67 -10.30 -31.52
C ALA C 329 10.39 -11.62 -32.22
N VAL C 330 11.11 -11.86 -33.32
CA VAL C 330 10.90 -13.06 -34.12
C VAL C 330 12.03 -14.05 -33.86
N PHE C 331 13.26 -13.64 -34.15
CA PHE C 331 14.44 -14.47 -33.90
C PHE C 331 15.34 -13.72 -32.95
N LEU C 332 15.60 -14.33 -31.79
CA LEU C 332 16.40 -13.71 -30.75
C LEU C 332 17.88 -13.86 -31.11
N GLY C 333 18.76 -13.59 -30.17
CA GLY C 333 20.17 -13.70 -30.42
C GLY C 333 20.60 -15.14 -30.64
N VAL C 334 21.86 -15.28 -31.05
CA VAL C 334 22.47 -16.59 -31.24
C VAL C 334 23.19 -16.95 -29.95
N GLY C 335 22.84 -16.24 -28.88
CA GLY C 335 23.60 -16.28 -27.65
C GLY C 335 24.36 -14.98 -27.52
N ALA C 336 25.57 -15.02 -26.96
CA ALA C 336 26.46 -13.87 -26.91
C ALA C 336 25.81 -12.66 -26.26
N LEU C 337 24.78 -12.85 -25.44
CA LEU C 337 24.04 -11.75 -24.87
C LEU C 337 23.22 -12.26 -23.70
N ASP C 338 23.39 -11.62 -22.54
CA ASP C 338 22.60 -12.01 -21.37
C ASP C 338 21.13 -11.73 -21.61
N ARG C 339 20.28 -12.56 -21.01
CA ARG C 339 18.84 -12.43 -21.23
C ARG C 339 18.31 -11.08 -20.77
N LYS C 340 18.90 -10.51 -19.72
CA LYS C 340 18.51 -9.16 -19.31
C LYS C 340 18.84 -8.14 -20.40
N SER C 341 20.07 -8.18 -20.91
CA SER C 341 20.46 -7.26 -21.98
C SER C 341 19.76 -7.60 -23.29
N LEU C 342 19.47 -8.88 -23.54
CA LEU C 342 18.69 -9.24 -24.71
C LEU C 342 17.29 -8.64 -24.63
N ARG C 343 16.68 -8.69 -23.45
CA ARG C 343 15.40 -8.03 -23.23
C ARG C 343 15.51 -6.53 -23.46
N GLY C 344 16.60 -5.93 -22.98
CA GLY C 344 16.81 -4.51 -23.22
C GLY C 344 16.89 -4.17 -24.70
N VAL C 345 17.61 -5.00 -25.47
CA VAL C 345 17.74 -4.76 -26.90
C VAL C 345 16.40 -4.91 -27.60
N VAL C 346 15.62 -5.92 -27.20
CA VAL C 346 14.30 -6.11 -27.82
C VAL C 346 13.39 -4.93 -27.48
N GLN C 347 13.44 -4.45 -26.24
CA GLN C 347 12.65 -3.28 -25.87
C GLN C 347 13.09 -2.05 -26.66
N TRP C 348 14.39 -1.92 -26.92
CA TRP C 348 14.86 -0.83 -27.76
C TRP C 348 14.33 -0.97 -29.18
N MET C 349 14.24 -2.21 -29.68
CA MET C 349 13.66 -2.43 -30.99
C MET C 349 12.20 -1.98 -31.03
N GLU C 350 11.45 -2.31 -29.99
CA GLU C 350 10.06 -1.86 -29.91
C GLU C 350 9.98 -0.33 -29.87
N GLU C 351 10.86 0.30 -29.10
CA GLU C 351 10.88 1.75 -29.03
C GLU C 351 11.21 2.37 -30.37
N VAL C 352 12.13 1.76 -31.11
CA VAL C 352 12.47 2.23 -32.46
C VAL C 352 11.27 2.11 -33.38
N TYR C 353 10.57 0.97 -33.33
CA TYR C 353 9.40 0.80 -34.18
C TYR C 353 8.32 1.82 -33.85
N VAL C 354 8.06 2.05 -32.56
CA VAL C 354 7.02 3.01 -32.19
C VAL C 354 7.45 4.43 -32.53
N TRP C 355 8.72 4.76 -32.28
CA TRP C 355 9.18 6.15 -32.40
C TRP C 355 10.29 6.29 -33.44
N GLY C 356 10.10 5.71 -34.61
CA GLY C 356 11.08 5.81 -35.68
C GLY C 356 11.41 7.25 -36.02
N GLU C 357 12.71 7.56 -36.11
CA GLU C 357 13.27 8.89 -36.31
C GLU C 357 13.07 9.81 -35.11
N ASN C 358 12.34 9.36 -34.08
CA ASN C 358 12.18 10.11 -32.85
C ASN C 358 12.63 9.33 -31.63
N ALA C 359 12.94 8.05 -31.77
CA ALA C 359 13.43 7.26 -30.65
C ALA C 359 14.82 7.73 -30.22
N PHE C 360 15.25 7.25 -29.06
CA PHE C 360 16.54 7.68 -28.54
C PHE C 360 17.67 7.21 -29.45
N GLY C 361 18.68 8.04 -29.59
CA GLY C 361 19.73 7.81 -30.57
C GLY C 361 19.45 8.40 -31.93
N LYS C 362 18.25 8.94 -32.15
CA LYS C 362 17.81 9.53 -33.41
C LYS C 362 18.08 8.58 -34.58
N PRO C 363 17.35 7.47 -34.68
CA PRO C 363 17.58 6.54 -35.79
C PRO C 363 17.07 7.08 -37.11
N ARG C 364 17.83 7.98 -37.73
CA ARG C 364 17.44 8.53 -39.01
C ARG C 364 17.86 7.61 -40.15
N ARG C 365 16.95 7.40 -41.09
CA ARG C 365 17.21 6.50 -42.20
C ARG C 365 18.34 7.03 -43.08
N ASP C 366 19.13 6.09 -43.61
CA ASP C 366 20.25 6.46 -44.47
C ASP C 366 19.76 7.09 -45.76
N LEU C 367 20.47 8.12 -46.21
CA LEU C 367 20.08 8.81 -47.44
C LEU C 367 20.27 7.93 -48.67
N SER C 368 21.32 7.10 -48.67
CA SER C 368 21.58 6.24 -49.81
C SER C 368 20.45 5.23 -50.01
N THR C 369 19.97 4.64 -48.93
CA THR C 369 18.86 3.70 -49.00
C THR C 369 18.10 3.72 -47.69
N GLY C 370 16.78 3.61 -47.77
CA GLY C 370 15.94 3.63 -46.58
C GLY C 370 15.98 2.35 -45.76
N HIS C 371 16.62 1.30 -46.27
CA HIS C 371 16.69 0.05 -45.53
C HIS C 371 17.54 0.17 -44.29
N PHE C 372 18.60 0.98 -44.33
CA PHE C 372 19.52 1.12 -43.22
C PHE C 372 19.23 2.41 -42.45
N LEU C 373 19.10 2.28 -41.14
CA LEU C 373 19.03 3.43 -40.24
C LEU C 373 19.91 3.13 -39.04
N LEU C 374 20.59 4.16 -38.52
CA LEU C 374 21.58 4.02 -37.46
C LEU C 374 22.68 3.04 -37.89
N GLY C 375 23.40 3.47 -38.93
CA GLY C 375 24.46 2.67 -39.49
C GLY C 375 25.71 2.66 -38.62
N LEU C 376 26.68 1.85 -39.05
CA LEU C 376 27.93 1.72 -38.30
C LEU C 376 28.85 2.92 -38.48
N SER C 377 28.64 3.72 -39.51
CA SER C 377 29.48 4.89 -39.75
C SER C 377 29.31 5.93 -38.66
N ASN C 390 30.03 10.74 -34.17
CA ASN C 390 29.29 10.27 -33.01
C ASN C 390 29.20 8.75 -33.02
N PRO C 391 30.18 8.09 -32.40
CA PRO C 391 30.16 6.62 -32.34
C PRO C 391 29.08 6.09 -31.43
N LYS C 392 27.82 6.12 -31.89
CA LYS C 392 26.72 5.64 -31.09
C LYS C 392 26.86 4.14 -30.85
N ALA C 393 27.05 3.76 -29.59
CA ALA C 393 27.15 2.37 -29.20
C ALA C 393 26.31 2.13 -27.96
N ILE C 394 25.63 1.00 -27.92
CA ILE C 394 24.82 0.62 -26.78
C ILE C 394 25.61 -0.36 -25.92
N PHE C 395 25.32 -0.36 -24.62
CA PHE C 395 26.10 -1.09 -23.64
C PHE C 395 25.33 -2.34 -23.23
N VAL C 396 25.95 -3.50 -23.43
CA VAL C 396 25.31 -4.79 -23.16
C VAL C 396 26.26 -5.65 -22.33
N GLU C 397 25.69 -6.65 -21.67
CA GLU C 397 26.44 -7.63 -20.90
C GLU C 397 26.38 -8.96 -21.62
N LEU C 398 27.53 -9.42 -22.11
CA LEU C 398 27.57 -10.65 -22.87
C LEU C 398 27.35 -11.86 -21.98
N LYS C 399 26.82 -12.93 -22.56
CA LYS C 399 26.65 -14.18 -21.85
C LYS C 399 28.03 -14.74 -21.47
N PRO C 400 28.18 -15.27 -20.25
CA PRO C 400 29.50 -15.79 -19.86
C PRO C 400 30.03 -16.89 -20.75
N SER C 401 29.15 -17.70 -21.35
CA SER C 401 29.58 -18.78 -22.26
C SER C 401 29.86 -18.22 -23.65
N TYR C 402 30.83 -17.33 -23.72
CA TYR C 402 31.23 -16.70 -24.97
C TYR C 402 32.65 -16.17 -24.82
N GLN C 403 33.44 -16.31 -25.89
CA GLN C 403 34.87 -16.02 -25.80
C GLN C 403 35.13 -14.55 -25.49
N HIS C 404 34.54 -13.65 -26.29
CA HIS C 404 34.70 -12.19 -26.15
C HIS C 404 36.12 -11.75 -25.78
N ASP C 427 33.33 -7.13 -16.23
CA ASP C 427 34.06 -8.28 -16.84
C ASP C 427 33.27 -8.80 -18.03
N HIS C 428 31.96 -8.52 -18.08
CA HIS C 428 31.12 -9.05 -19.17
C HIS C 428 30.47 -7.89 -19.93
N THR C 429 30.66 -6.65 -19.48
CA THR C 429 30.13 -5.54 -20.27
C THR C 429 30.86 -5.47 -21.61
N ALA C 430 30.13 -5.10 -22.65
CA ALA C 430 30.66 -5.18 -24.01
C ALA C 430 30.75 -3.84 -24.71
N ARG C 431 29.72 -3.00 -24.62
CA ARG C 431 29.63 -1.76 -25.40
C ARG C 431 29.69 -2.08 -26.89
N LEU C 432 28.70 -2.81 -27.36
CA LEU C 432 28.63 -3.19 -28.76
C LEU C 432 28.07 -2.06 -29.60
N ARG C 433 28.32 -2.13 -30.91
CA ARG C 433 27.86 -1.10 -31.83
C ARG C 433 26.61 -1.59 -32.55
N PRO C 434 25.47 -0.89 -32.43
CA PRO C 434 24.25 -1.36 -33.10
C PRO C 434 24.10 -0.81 -34.50
N VAL C 435 23.63 -1.67 -35.39
CA VAL C 435 23.22 -1.26 -36.73
C VAL C 435 21.82 -1.82 -36.97
N ILE C 436 20.91 -0.97 -37.43
CA ILE C 436 19.52 -1.34 -37.59
C ILE C 436 19.21 -1.37 -39.08
N TYR C 437 19.01 -2.58 -39.61
CA TYR C 437 18.56 -2.77 -40.98
C TYR C 437 17.06 -2.98 -40.94
N VAL C 438 16.31 -2.12 -41.61
CA VAL C 438 14.86 -2.12 -41.50
C VAL C 438 14.25 -2.47 -42.85
N SER C 439 13.37 -3.45 -42.84
CA SER C 439 12.41 -3.70 -43.92
C SER C 439 11.05 -3.25 -43.45
N GLN C 440 10.07 -3.27 -44.36
CA GLN C 440 8.74 -2.81 -44.00
C GLN C 440 8.14 -3.59 -42.84
N PRO C 441 8.15 -4.93 -42.82
CA PRO C 441 7.62 -5.63 -41.65
C PRO C 441 8.65 -5.92 -40.58
N PHE C 442 9.94 -5.95 -40.95
CA PHE C 442 10.98 -6.51 -40.10
C PHE C 442 12.00 -5.46 -39.69
N ILE C 443 12.55 -5.64 -38.50
CA ILE C 443 13.63 -4.81 -37.97
C ILE C 443 14.73 -5.75 -37.48
N TYR C 444 15.92 -5.64 -38.09
CA TYR C 444 17.08 -6.40 -37.67
C TYR C 444 18.02 -5.46 -36.92
N ILE C 445 18.21 -5.71 -35.63
CA ILE C 445 19.20 -5.00 -34.83
C ILE C 445 20.41 -5.93 -34.72
N LEU C 446 21.52 -5.50 -35.29
CA LEU C 446 22.75 -6.29 -35.32
C LEU C 446 23.77 -5.63 -34.42
N LEU C 447 24.24 -6.36 -33.42
CA LEU C 447 25.24 -5.88 -32.48
C LEU C 447 26.61 -6.34 -32.97
N PHE C 448 27.40 -5.40 -33.48
CA PHE C 448 28.77 -5.64 -33.90
C PHE C 448 29.73 -5.39 -32.75
N SER C 449 30.93 -5.93 -32.89
CA SER C 449 31.99 -5.69 -31.92
C SER C 449 32.40 -4.22 -31.94
N GLU C 450 33.01 -3.79 -30.84
CA GLU C 450 33.30 -2.37 -30.66
C GLU C 450 34.27 -1.84 -31.71
N ILE C 451 35.32 -2.60 -32.03
CA ILE C 451 36.39 -2.08 -32.87
C ILE C 451 36.71 -2.94 -34.08
N THR C 452 36.41 -4.23 -34.07
CA THR C 452 36.89 -5.10 -35.16
C THR C 452 36.34 -4.72 -36.53
N PRO C 453 35.05 -4.37 -36.72
CA PRO C 453 34.65 -3.83 -38.02
C PRO C 453 34.86 -2.32 -38.09
N SER C 454 35.75 -1.88 -38.98
CA SER C 454 36.10 -0.47 -39.04
C SER C 454 34.96 0.33 -39.67
N PRO C 455 34.73 1.56 -39.20
CA PRO C 455 33.74 2.42 -39.86
C PRO C 455 34.09 2.77 -41.29
N SER C 456 35.38 2.68 -41.65
CA SER C 456 35.78 2.98 -43.02
C SER C 456 35.18 2.00 -44.02
N THR C 457 35.11 0.72 -43.65
CA THR C 457 34.57 -0.30 -44.52
C THR C 457 33.05 -0.40 -44.45
N TRP C 458 32.40 0.47 -43.68
CA TRP C 458 30.94 0.42 -43.57
C TRP C 458 30.23 0.54 -44.92
N PRO C 459 30.63 1.43 -45.83
CA PRO C 459 29.95 1.42 -47.15
C PRO C 459 30.07 0.09 -47.87
N THR C 460 31.20 -0.60 -47.74
CA THR C 460 31.35 -1.91 -48.36
C THR C 460 30.57 -2.97 -47.59
N LEU C 461 30.58 -2.90 -46.26
CA LEU C 461 29.89 -3.90 -45.45
C LEU C 461 28.38 -3.80 -45.62
N ALA C 462 27.87 -2.58 -45.84
CA ALA C 462 26.42 -2.38 -45.94
C ALA C 462 25.85 -3.06 -47.17
N GLU C 463 26.58 -3.02 -48.29
CA GLU C 463 26.11 -3.68 -49.50
C GLU C 463 26.02 -5.18 -49.31
N SER C 464 27.05 -5.77 -48.67
CA SER C 464 27.01 -7.20 -48.39
C SER C 464 25.89 -7.54 -47.42
N LEU C 465 25.68 -6.70 -46.41
CA LEU C 465 24.62 -6.93 -45.44
C LEU C 465 23.25 -6.89 -46.10
N HIS C 466 23.03 -5.91 -46.98
CA HIS C 466 21.77 -5.83 -47.71
C HIS C 466 21.60 -7.03 -48.64
N ALA C 467 22.67 -7.45 -49.31
CA ALA C 467 22.59 -8.62 -50.19
C ALA C 467 22.37 -9.90 -49.41
N GLN C 468 22.66 -9.92 -48.11
CA GLN C 468 22.44 -11.09 -47.28
C GLN C 468 21.17 -11.01 -46.46
N LEU C 469 20.37 -9.94 -46.62
CA LEU C 469 19.14 -9.79 -45.86
C LEU C 469 17.95 -9.52 -46.77
N SER C 470 18.20 -8.89 -47.92
CA SER C 470 17.12 -8.65 -48.87
C SER C 470 16.50 -9.95 -49.39
N PRO C 471 17.27 -10.97 -49.83
CA PRO C 471 16.63 -12.23 -50.22
C PRO C 471 15.94 -12.93 -49.06
N LEU C 472 16.29 -12.59 -47.82
CA LEU C 472 15.65 -13.16 -46.65
C LEU C 472 14.27 -12.59 -46.39
N GLN C 473 13.91 -11.48 -47.04
CA GLN C 473 12.68 -10.78 -46.68
C GLN C 473 11.44 -11.62 -46.95
N LYS C 474 11.33 -12.17 -48.16
CA LYS C 474 10.15 -12.97 -48.49
C LYS C 474 10.05 -14.24 -47.65
N PRO C 475 11.10 -15.06 -47.49
CA PRO C 475 10.98 -16.21 -46.60
C PRO C 475 10.66 -15.82 -45.16
N LEU C 476 11.26 -14.73 -44.67
CA LEU C 476 10.97 -14.29 -43.31
C LEU C 476 9.52 -13.89 -43.16
N LEU C 477 8.98 -13.18 -44.15
CA LEU C 477 7.57 -12.80 -44.13
C LEU C 477 6.68 -14.03 -44.14
N HIS C 478 7.04 -15.03 -44.95
CA HIS C 478 6.24 -16.26 -44.99
C HIS C 478 6.30 -17.00 -43.66
N SER C 479 7.48 -17.04 -43.02
CA SER C 479 7.64 -17.83 -41.81
C SER C 479 6.99 -17.17 -40.61
N THR C 480 7.07 -15.84 -40.52
CA THR C 480 6.45 -15.15 -39.39
C THR C 480 4.94 -15.09 -39.51
N SER C 481 4.39 -15.35 -40.69
CA SER C 481 2.94 -15.43 -40.84
C SER C 481 2.37 -16.68 -40.19
N TYR C 482 3.21 -17.67 -39.90
CA TYR C 482 2.76 -18.90 -39.25
C TYR C 482 2.26 -18.60 -37.84
N ARG C 483 1.22 -19.34 -37.43
CA ARG C 483 0.67 -19.21 -36.09
C ARG C 483 0.61 -20.60 -35.46
N PRO C 484 0.98 -20.74 -34.18
CA PRO C 484 0.95 -22.04 -33.50
C PRO C 484 -0.46 -22.48 -33.13
N HIS C 501 -15.35 -19.87 -25.18
CA HIS C 501 -15.19 -19.48 -26.58
C HIS C 501 -13.76 -19.03 -26.86
N GLN C 502 -13.61 -17.77 -27.26
CA GLN C 502 -12.30 -17.23 -27.57
C GLN C 502 -11.41 -17.26 -26.34
N ILE C 503 -10.19 -17.76 -26.49
CA ILE C 503 -9.26 -17.96 -25.39
C ILE C 503 -7.97 -17.22 -25.71
N PHE C 504 -7.49 -16.42 -24.76
CA PHE C 504 -6.23 -15.71 -24.86
C PHE C 504 -5.34 -16.12 -23.70
N ASP C 505 -4.07 -16.43 -24.00
CA ASP C 505 -3.12 -16.85 -22.99
C ASP C 505 -1.88 -15.96 -23.03
N LEU C 506 -1.01 -16.17 -22.04
CA LEU C 506 0.22 -15.38 -21.93
C LEU C 506 1.22 -16.23 -21.17
N VAL C 507 2.18 -16.82 -21.89
CA VAL C 507 3.22 -17.64 -21.30
C VAL C 507 4.47 -16.79 -21.13
N TYR C 508 4.92 -16.65 -19.89
CA TYR C 508 6.12 -15.87 -19.57
C TYR C 508 7.11 -16.82 -18.88
N ASP C 509 8.10 -17.29 -19.63
CA ASP C 509 9.12 -18.17 -19.08
C ASP C 509 10.11 -17.34 -18.28
N THR C 510 10.13 -17.55 -16.95
CA THR C 510 10.97 -16.74 -16.09
C THR C 510 12.45 -16.96 -16.35
N GLU C 511 12.84 -18.18 -16.69
CA GLU C 511 14.27 -18.48 -16.86
C GLU C 511 14.84 -17.77 -18.09
N THR C 512 14.15 -17.85 -19.22
CA THR C 512 14.64 -17.29 -20.47
C THR C 512 14.00 -15.95 -20.82
N LEU C 513 13.11 -15.43 -19.97
CA LEU C 513 12.50 -14.12 -20.07
C LEU C 513 11.60 -13.95 -21.29
N THR C 514 11.40 -14.98 -22.10
CA THR C 514 10.55 -14.86 -23.27
C THR C 514 9.09 -14.76 -22.85
N LEU C 515 8.33 -13.93 -23.58
CA LEU C 515 6.91 -13.72 -23.32
C LEU C 515 6.14 -13.90 -24.62
N GLN C 516 5.32 -14.94 -24.67
CA GLN C 516 4.47 -15.21 -25.83
C GLN C 516 3.02 -15.02 -25.38
N SER C 517 2.35 -14.00 -25.93
CA SER C 517 1.03 -13.63 -25.47
C SER C 517 0.08 -13.49 -26.64
N THR C 518 -1.21 -13.69 -26.35
CA THR C 518 -2.28 -13.53 -27.33
C THR C 518 -3.33 -12.53 -26.89
N ILE C 519 -3.24 -12.01 -25.67
CA ILE C 519 -4.25 -11.05 -25.18
C ILE C 519 -4.20 -9.79 -26.02
N PRO C 520 -5.31 -9.34 -26.60
CA PRO C 520 -5.27 -8.13 -27.43
C PRO C 520 -4.93 -6.89 -26.62
N ASN C 521 -4.31 -5.93 -27.28
CA ASN C 521 -4.00 -4.66 -26.65
C ASN C 521 -5.23 -3.77 -26.60
N ILE C 522 -5.17 -2.74 -25.78
CA ILE C 522 -6.28 -1.81 -25.60
C ILE C 522 -6.42 -0.96 -26.86
N PRO C 523 -7.57 -0.97 -27.52
CA PRO C 523 -7.76 -0.12 -28.70
C PRO C 523 -7.63 1.36 -28.35
N ASP C 524 -7.06 2.13 -29.28
CA ASP C 524 -6.92 3.55 -29.08
C ASP C 524 -8.30 4.24 -29.12
N PRO C 525 -8.46 5.35 -28.40
CA PRO C 525 -9.72 6.11 -28.39
C PRO C 525 -10.11 6.62 -29.77
N GLN C 545 -10.62 -3.03 -37.26
CA GLN C 545 -11.49 -3.06 -36.10
C GLN C 545 -11.15 -4.23 -35.18
N SER C 546 -10.77 -3.91 -33.95
CA SER C 546 -10.38 -4.94 -32.99
C SER C 546 -11.60 -5.72 -32.51
N ILE C 547 -11.34 -6.91 -31.96
CA ILE C 547 -12.39 -7.74 -31.39
C ILE C 547 -12.87 -7.22 -30.04
N TRP C 548 -12.32 -6.11 -29.56
CA TRP C 548 -12.65 -5.56 -28.26
C TRP C 548 -13.23 -4.16 -28.39
N THR C 549 -14.12 -3.83 -27.47
CA THR C 549 -14.46 -2.44 -27.23
C THR C 549 -13.54 -1.90 -26.14
N ARG C 550 -13.31 -0.59 -26.17
CA ARG C 550 -12.27 -0.01 -25.30
C ARG C 550 -12.58 -0.23 -23.83
N VAL C 551 -13.84 -0.04 -23.43
CA VAL C 551 -14.20 -0.16 -22.02
C VAL C 551 -13.92 -1.58 -21.53
N GLU C 552 -14.30 -2.58 -22.33
CA GLU C 552 -14.00 -3.96 -21.98
C GLU C 552 -12.50 -4.20 -21.93
N ALA C 553 -11.75 -3.55 -22.82
CA ALA C 553 -10.29 -3.72 -22.82
C ALA C 553 -9.70 -3.20 -21.51
N LEU C 554 -10.07 -1.99 -21.11
CA LEU C 554 -9.57 -1.44 -19.85
C LEU C 554 -9.97 -2.31 -18.67
N GLN C 555 -11.23 -2.74 -18.63
CA GLN C 555 -11.68 -3.56 -17.50
C GLN C 555 -10.92 -4.88 -17.45
N THR C 556 -10.77 -5.54 -18.59
CA THR C 556 -10.08 -6.83 -18.63
C THR C 556 -8.62 -6.70 -18.24
N HIS C 557 -7.94 -5.68 -18.75
CA HIS C 557 -6.52 -5.54 -18.44
C HIS C 557 -6.31 -5.13 -16.99
N ALA C 558 -7.16 -4.26 -16.46
CA ALA C 558 -7.08 -3.93 -15.04
C ALA C 558 -7.32 -5.16 -14.17
N GLN C 559 -8.30 -5.99 -14.55
CA GLN C 559 -8.52 -7.23 -13.83
C GLN C 559 -7.29 -8.11 -13.87
N ILE C 560 -6.74 -8.34 -15.07
CA ILE C 560 -5.57 -9.20 -15.22
C ILE C 560 -4.43 -8.70 -14.34
N LEU C 561 -4.20 -7.38 -14.34
CA LEU C 561 -3.16 -6.82 -13.50
C LEU C 561 -3.49 -7.06 -12.02
N ALA C 562 -4.76 -7.05 -11.66
CA ALA C 562 -5.14 -7.35 -10.28
C ALA C 562 -4.78 -8.77 -9.89
N ILE C 563 -5.05 -9.75 -10.78
CA ILE C 563 -4.64 -11.13 -10.47
C ILE C 563 -3.12 -11.23 -10.38
N LEU C 564 -2.39 -10.61 -11.30
CA LEU C 564 -0.93 -10.67 -11.21
C LEU C 564 -0.42 -10.06 -9.92
N SER C 565 -1.00 -8.94 -9.48
CA SER C 565 -0.59 -8.35 -8.21
C SER C 565 -0.94 -9.26 -7.04
N SER C 566 -2.14 -9.86 -7.05
CA SER C 566 -2.55 -10.72 -5.96
C SER C 566 -1.77 -12.03 -5.95
N GLY C 567 -1.45 -12.56 -7.14
CA GLY C 567 -0.75 -13.82 -7.24
C GLY C 567 0.75 -13.75 -7.00
N ARG C 568 1.29 -12.56 -6.77
CA ARG C 568 2.72 -12.36 -6.55
C ARG C 568 3.55 -12.96 -7.69
N ALA C 569 3.10 -12.74 -8.92
CA ALA C 569 3.72 -13.33 -10.09
C ALA C 569 4.68 -12.39 -10.81
N ILE C 570 4.51 -11.08 -10.66
CA ILE C 570 5.42 -10.15 -11.36
C ILE C 570 6.82 -10.32 -10.80
N PRO C 571 7.86 -10.26 -11.63
CA PRO C 571 9.23 -10.47 -11.11
C PRO C 571 9.65 -9.44 -10.07
N THR C 572 9.17 -8.21 -10.18
CA THR C 572 9.58 -7.14 -9.27
C THR C 572 8.42 -6.64 -8.42
N GLY C 585 0.58 -22.71 -7.31
CA GLY C 585 -0.67 -22.00 -7.07
C GLY C 585 -1.40 -21.63 -8.35
N GLU C 586 -2.72 -21.64 -8.29
CA GLU C 586 -3.56 -21.29 -9.43
C GLU C 586 -4.62 -20.29 -8.96
N ARG C 587 -4.70 -19.15 -9.64
CA ARG C 587 -5.68 -18.12 -9.32
C ARG C 587 -6.69 -18.05 -10.46
N THR C 588 -7.87 -18.60 -10.22
CA THR C 588 -8.95 -18.60 -11.21
C THR C 588 -10.02 -17.60 -10.74
N CYS C 589 -10.09 -16.46 -11.39
CA CYS C 589 -11.01 -15.39 -11.02
C CYS C 589 -11.92 -15.06 -12.19
N LYS C 590 -13.22 -15.03 -11.93
CA LYS C 590 -14.23 -14.74 -12.94
C LYS C 590 -14.85 -13.38 -12.67
N THR C 591 -15.85 -13.02 -13.48
CA THR C 591 -16.52 -11.75 -13.35
C THR C 591 -17.93 -11.87 -13.89
N ALA C 592 -18.69 -10.78 -13.81
CA ALA C 592 -20.06 -10.74 -14.32
C ALA C 592 -20.12 -10.37 -15.80
N ARG C 593 -18.99 -10.04 -16.41
CA ARG C 593 -18.93 -9.70 -17.82
C ARG C 593 -18.57 -10.90 -18.70
N GLY C 594 -18.51 -12.10 -18.12
CA GLY C 594 -18.18 -13.29 -18.87
C GLY C 594 -16.70 -13.56 -19.04
N TRP C 595 -15.84 -12.84 -18.34
CA TRP C 595 -14.41 -13.03 -18.45
C TRP C 595 -13.92 -13.98 -17.35
N TRP C 596 -13.11 -14.96 -17.74
CA TRP C 596 -12.61 -16.00 -16.84
C TRP C 596 -11.09 -15.96 -16.94
N ILE C 597 -10.44 -15.30 -15.98
CA ILE C 597 -8.98 -15.26 -15.90
C ILE C 597 -8.51 -16.47 -15.12
N VAL C 598 -7.51 -17.16 -15.64
CA VAL C 598 -6.95 -18.36 -15.02
C VAL C 598 -5.44 -18.21 -15.06
N TRP C 599 -4.84 -17.82 -13.94
CA TRP C 599 -3.39 -17.73 -13.83
C TRP C 599 -2.86 -19.02 -13.22
N THR C 600 -1.86 -19.62 -13.89
CA THR C 600 -1.26 -20.87 -13.46
C THR C 600 0.26 -20.71 -13.47
N ARG C 601 0.92 -21.41 -12.56
CA ARG C 601 2.39 -21.42 -12.48
C ARG C 601 2.88 -22.76 -12.96
N VAL C 602 3.44 -22.79 -14.18
CA VAL C 602 3.94 -24.02 -14.77
C VAL C 602 5.36 -24.25 -14.29
N VAL C 603 5.62 -25.43 -13.74
CA VAL C 603 6.95 -25.78 -13.25
C VAL C 603 7.64 -26.71 -14.25
N GLY C 632 9.21 -22.72 -15.13
CA GLY C 632 8.87 -21.51 -14.40
C GLY C 632 7.92 -20.60 -15.13
N HIS C 633 7.17 -21.18 -16.08
CA HIS C 633 6.22 -20.40 -16.87
C HIS C 633 5.08 -19.90 -15.99
N LEU C 634 4.54 -18.74 -16.37
CA LEU C 634 3.42 -18.11 -15.66
C LEU C 634 2.33 -17.85 -16.70
N ARG C 635 1.45 -18.83 -16.90
CA ARG C 635 0.41 -18.71 -17.90
C ARG C 635 -0.76 -17.91 -17.36
N SER C 636 -1.36 -17.09 -18.21
CA SER C 636 -2.53 -16.29 -17.86
C SER C 636 -3.59 -16.48 -18.94
N VAL C 637 -4.39 -17.54 -18.80
CA VAL C 637 -5.52 -17.75 -19.69
C VAL C 637 -6.57 -16.68 -19.43
N SER C 638 -7.23 -16.23 -20.50
CA SER C 638 -8.16 -15.11 -20.44
C SER C 638 -9.46 -15.45 -21.15
N SER C 639 -10.05 -16.59 -20.77
CA SER C 639 -11.22 -17.10 -21.49
C SER C 639 -12.33 -16.07 -21.54
N SER C 640 -12.98 -15.97 -22.69
CA SER C 640 -13.98 -14.95 -22.97
C SER C 640 -15.33 -15.62 -23.22
N HIS C 641 -16.35 -15.17 -22.49
CA HIS C 641 -17.72 -15.68 -22.53
C HIS C 641 -17.89 -17.08 -23.11
#